data_1XJQ
#
_entry.id   1XJQ
#
_cell.length_a   78.500
_cell.length_b   82.500
_cell.length_c   133.000
_cell.angle_alpha   90.00
_cell.angle_beta   105.00
_cell.angle_gamma   90.00
#
_symmetry.space_group_name_H-M   'P 1 21 1'
#
loop_
_entity.id
_entity.type
_entity.pdbx_description
1 polymer "Bifunctional 3'-phosphoadenosine 5'-phosphosulfate synthetase 1"
2 non-polymer "ADENOSINE-5'-DIPHOSPHATE"
3 water water
#
_entity_poly.entity_id   1
_entity_poly.type   'polypeptide(L)'
_entity_poly.pdbx_seq_one_letter_code
;MEIPGSLCKKVKLSNNAQNWGMQRATNVTYQAHHVSRNKRGQVVGTRGGFRGCTVWLTGLSGAGKTTVSMALEEYLVCHG
IPCYTLDGDNIRQGLNKNLGFSPEDREENVRRIAEVAKLFADAGLVCITSFISPYTQDRNNARQIHEGASLPFFEVFVDA
PLHVCEQRDVKGLYKKARAGEIKGFTGIDSEYEKPEAPELVLKTDSCDVNDCVQQVVELLQERDIVPVDASYEVKELYVP
ENKLHLAKTDAETLPALKINKVDMQWVQVLAEGWATPLNGFMREREYLQCLHFDCLLDGGVINLSVPIVLTATHEDKERL
DGCTAFALMYEGRRVAILRNPEFFEHRKEERCARQWGTTCKNHPYIKMVMEQGDWLIGGDLQVLDRVYWNDGLDQYRLTP
TELKQKFKDMNADAVSAFQLRNPVHNGHALLMQDTHKQLLERGYRRPVLLLHPLGGWTKDDDVPLMWRMKQHAAVLEEGV
LNPETTVVAIFPSPMMYAGPTEVQWHCRARMVAGANFYIVGRDPAGMPHPETGKDLYEPSHGAKVLTMAPGLITLEIVPF
RVAAYNKKKKRMDYYDSEHHEDFEFISGTRMRKLAREGQKPPEGFMAPKAWTVLTEYYKSLEKAHHHHHH
;
_entity_poly.pdbx_strand_id   B,A
#
# COMPACT_ATOMS: atom_id res chain seq x y z
N HIS A 34 -8.48 -30.74 -5.98
CA HIS A 34 -8.70 -29.56 -5.06
C HIS A 34 -7.67 -28.39 -5.17
N VAL A 35 -8.10 -27.18 -4.91
CA VAL A 35 -7.18 -26.07 -4.87
C VAL A 35 -6.18 -26.31 -3.74
N SER A 36 -4.92 -26.07 -4.01
CA SER A 36 -3.86 -26.22 -3.04
C SER A 36 -3.92 -25.20 -1.85
N ARG A 37 -3.28 -25.54 -0.75
CA ARG A 37 -3.08 -24.63 0.38
C ARG A 37 -2.41 -23.34 -0.06
N ASN A 38 -1.42 -23.39 -0.94
CA ASN A 38 -0.75 -22.16 -1.37
C ASN A 38 -1.83 -21.26 -1.99
N LYS A 39 -2.75 -21.79 -2.81
CA LYS A 39 -3.76 -20.93 -3.48
C LYS A 39 -4.96 -20.56 -2.62
N ARG A 40 -5.32 -21.43 -1.68
CA ARG A 40 -6.47 -21.12 -0.80
C ARG A 40 -6.03 -19.97 0.12
N GLY A 41 -4.73 -19.88 0.42
CA GLY A 41 -4.18 -18.81 1.19
C GLY A 41 -3.93 -17.47 0.48
N GLN A 42 -3.87 -17.48 -0.83
CA GLN A 42 -3.87 -16.19 -1.47
C GLN A 42 -5.22 -15.53 -1.24
N VAL A 43 -6.28 -16.27 -0.86
CA VAL A 43 -7.61 -15.63 -0.83
C VAL A 43 -8.28 -15.61 0.49
N VAL A 44 -7.82 -16.43 1.42
CA VAL A 44 -8.13 -16.31 2.86
C VAL A 44 -7.37 -15.12 3.46
N GLY A 45 -8.09 -14.11 3.84
CA GLY A 45 -7.43 -12.90 4.36
C GLY A 45 -6.75 -11.99 3.31
N THR A 46 -6.30 -10.84 3.77
CA THR A 46 -5.60 -9.87 2.92
C THR A 46 -4.11 -10.10 3.01
N ARG A 47 -3.64 -10.71 4.08
CA ARG A 47 -2.21 -10.92 4.19
C ARG A 47 -1.80 -12.16 3.38
N GLY A 48 -0.73 -12.08 2.62
CA GLY A 48 -0.49 -13.20 1.69
C GLY A 48 0.01 -14.43 2.44
N GLY A 49 -0.12 -15.62 1.86
CA GLY A 49 0.60 -16.78 2.38
C GLY A 49 -0.30 -17.59 3.28
N PHE A 50 -0.12 -18.90 3.25
CA PHE A 50 -0.94 -19.86 3.94
C PHE A 50 -0.58 -19.87 5.38
N ARG A 51 -1.60 -19.73 6.20
CA ARG A 51 -1.28 -19.83 7.63
C ARG A 51 -2.24 -20.66 8.49
N GLY A 52 -2.81 -21.70 7.92
CA GLY A 52 -3.70 -22.56 8.68
C GLY A 52 -2.94 -23.29 9.73
N CYS A 53 -3.54 -23.40 10.93
CA CYS A 53 -2.87 -24.08 12.04
C CYS A 53 -3.93 -24.23 13.13
N THR A 54 -3.58 -24.86 14.19
CA THR A 54 -4.52 -25.08 15.28
C THR A 54 -3.77 -24.71 16.52
N VAL A 55 -4.40 -23.82 17.30
CA VAL A 55 -3.87 -23.40 18.57
C VAL A 55 -4.72 -24.12 19.59
N TRP A 56 -4.18 -25.15 20.19
CA TRP A 56 -4.93 -26.11 21.01
C TRP A 56 -4.68 -25.69 22.45
N LEU A 57 -5.67 -25.02 23.05
CA LEU A 57 -5.56 -24.68 24.49
C LEU A 57 -6.05 -25.89 25.35
N THR A 58 -5.40 -26.11 26.45
CA THR A 58 -5.76 -27.14 27.38
C THR A 58 -5.35 -26.67 28.77
N GLY A 59 -6.10 -27.10 29.81
CA GLY A 59 -5.93 -26.76 31.22
C GLY A 59 -7.27 -26.92 31.98
N LEU A 60 -7.16 -26.86 33.30
CA LEU A 60 -8.27 -26.99 34.25
C LEU A 60 -9.42 -26.06 33.94
N SER A 61 -10.59 -26.47 34.36
CA SER A 61 -11.80 -25.66 34.28
C SER A 61 -11.43 -24.42 34.99
N GLY A 62 -11.67 -23.29 34.34
CA GLY A 62 -11.41 -21.98 34.96
C GLY A 62 -9.95 -21.45 34.90
N ALA A 63 -9.05 -22.12 34.17
CA ALA A 63 -7.63 -21.73 34.15
C ALA A 63 -7.43 -20.50 33.25
N GLY A 64 -8.29 -20.33 32.29
CA GLY A 64 -8.15 -19.17 31.41
C GLY A 64 -8.39 -19.33 29.91
N LYS A 65 -8.81 -20.52 29.50
CA LYS A 65 -8.93 -20.92 28.06
C LYS A 65 -9.90 -20.08 27.31
N THR A 66 -11.12 -19.96 27.81
CA THR A 66 -12.11 -19.10 27.16
C THR A 66 -11.59 -17.70 26.97
N THR A 67 -11.06 -17.15 28.05
CA THR A 67 -10.65 -15.75 28.11
C THR A 67 -9.43 -15.57 27.09
N VAL A 68 -8.49 -16.49 27.12
CA VAL A 68 -7.37 -16.41 26.15
C VAL A 68 -7.88 -16.57 24.79
N SER A 69 -8.78 -17.52 24.46
CA SER A 69 -9.10 -17.69 23.07
C SER A 69 -9.88 -16.53 22.52
N MET A 70 -10.75 -16.00 23.37
CA MET A 70 -11.52 -14.82 22.96
C MET A 70 -10.55 -13.63 22.63
N ALA A 71 -9.55 -13.37 23.46
CA ALA A 71 -8.71 -12.24 23.27
C ALA A 71 -7.80 -12.52 22.03
N LEU A 72 -7.44 -13.80 21.81
CA LEU A 72 -6.60 -14.19 20.66
C LEU A 72 -7.36 -14.01 19.41
N GLU A 73 -8.60 -14.46 19.43
CA GLU A 73 -9.40 -14.35 18.24
C GLU A 73 -9.48 -12.85 17.84
N GLU A 74 -9.80 -12.04 18.82
CA GLU A 74 -9.92 -10.65 18.57
C GLU A 74 -8.63 -10.02 18.04
N TYR A 75 -7.46 -10.32 18.62
CA TYR A 75 -6.21 -9.89 18.07
C TYR A 75 -6.11 -10.28 16.61
N LEU A 76 -6.35 -11.55 16.29
CA LEU A 76 -6.16 -12.04 14.94
C LEU A 76 -7.09 -11.29 13.97
N VAL A 77 -8.34 -11.15 14.31
CA VAL A 77 -9.24 -10.45 13.44
C VAL A 77 -8.87 -8.91 13.29
N CYS A 78 -8.44 -8.27 14.38
CA CYS A 78 -8.00 -6.88 14.27
C CYS A 78 -6.76 -6.83 13.45
N HIS A 79 -6.03 -7.94 13.27
CA HIS A 79 -4.86 -7.88 12.41
C HIS A 79 -5.02 -8.53 11.03
N GLY A 80 -6.22 -8.74 10.57
CA GLY A 80 -6.40 -9.27 9.22
C GLY A 80 -6.27 -10.80 9.01
N ILE A 81 -6.32 -11.60 10.07
CA ILE A 81 -6.01 -13.05 10.01
C ILE A 81 -7.24 -13.84 10.45
N PRO A 82 -7.97 -14.37 9.49
CA PRO A 82 -9.17 -15.11 9.78
C PRO A 82 -8.86 -16.30 10.60
N CYS A 83 -9.80 -16.52 11.48
CA CYS A 83 -9.63 -17.55 12.49
C CYS A 83 -11.00 -18.04 12.91
N TYR A 84 -10.99 -19.12 13.70
CA TYR A 84 -12.26 -19.59 14.19
C TYR A 84 -11.99 -20.43 15.40
N THR A 85 -12.89 -20.35 16.35
CA THR A 85 -12.71 -20.89 17.66
C THR A 85 -13.67 -22.06 17.81
N LEU A 86 -13.18 -23.20 18.24
CA LEU A 86 -14.08 -24.32 18.56
C LEU A 86 -14.14 -24.32 20.06
N ASP A 87 -15.33 -24.23 20.59
CA ASP A 87 -15.46 -24.30 22.04
C ASP A 87 -16.77 -24.95 22.50
N GLY A 88 -17.06 -24.84 23.79
CA GLY A 88 -18.27 -25.44 24.36
C GLY A 88 -19.56 -24.90 23.69
N ASP A 89 -19.58 -23.64 23.35
CA ASP A 89 -20.73 -23.02 22.68
C ASP A 89 -20.97 -23.26 21.22
N ASN A 90 -20.04 -23.90 20.51
CA ASN A 90 -20.48 -24.24 19.18
C ASN A 90 -20.39 -25.77 18.96
N ILE A 91 -19.48 -26.43 19.60
CA ILE A 91 -19.30 -27.87 19.41
C ILE A 91 -20.33 -28.69 20.24
N ARG A 92 -20.50 -28.35 21.49
CA ARG A 92 -21.18 -29.23 22.45
C ARG A 92 -22.64 -29.36 22.02
N GLN A 93 -23.26 -28.34 21.44
CA GLN A 93 -24.65 -28.52 21.16
C GLN A 93 -24.95 -28.67 19.72
N GLY A 94 -23.93 -28.81 18.88
CA GLY A 94 -24.14 -29.17 17.51
C GLY A 94 -23.52 -30.56 17.23
N LEU A 95 -22.30 -30.57 16.75
CA LEU A 95 -21.62 -31.78 16.39
C LEU A 95 -21.60 -32.78 17.54
N ASN A 96 -21.42 -32.30 18.78
CA ASN A 96 -21.13 -33.25 19.87
C ASN A 96 -22.30 -33.39 20.83
N LYS A 97 -23.48 -33.03 20.34
CA LYS A 97 -24.59 -33.09 21.19
C LYS A 97 -24.90 -34.52 21.61
N ASN A 98 -24.57 -35.52 20.76
CA ASN A 98 -24.95 -36.88 21.09
C ASN A 98 -23.95 -37.56 21.94
N LEU A 99 -23.05 -36.82 22.62
CA LEU A 99 -21.97 -37.42 23.35
C LEU A 99 -22.24 -37.16 24.84
N GLY A 100 -22.28 -38.19 25.67
CA GLY A 100 -22.54 -37.96 27.07
C GLY A 100 -21.23 -37.92 27.79
N PHE A 101 -21.17 -38.43 29.01
CA PHE A 101 -20.00 -38.17 29.82
C PHE A 101 -19.19 -39.40 30.13
N SER A 102 -19.57 -40.54 29.61
CA SER A 102 -18.84 -41.65 30.08
C SER A 102 -17.93 -42.27 29.04
N PRO A 103 -16.68 -42.47 29.54
CA PRO A 103 -15.38 -41.99 29.04
C PRO A 103 -15.01 -42.17 27.59
N GLU A 104 -15.75 -43.02 26.91
CA GLU A 104 -15.54 -43.28 25.52
C GLU A 104 -16.15 -42.09 24.76
N ASP A 105 -17.23 -41.53 25.32
CA ASP A 105 -17.86 -40.31 24.81
C ASP A 105 -16.92 -39.09 24.93
N ARG A 106 -16.20 -39.02 26.03
CA ARG A 106 -15.27 -37.99 26.32
C ARG A 106 -14.15 -38.08 25.30
N GLU A 107 -13.67 -39.30 25.03
CA GLU A 107 -12.60 -39.48 24.05
C GLU A 107 -13.03 -39.07 22.69
N GLU A 108 -14.19 -39.56 22.28
CA GLU A 108 -14.75 -39.22 20.98
C GLU A 108 -14.93 -37.66 20.85
N ASN A 109 -15.23 -36.99 21.96
CA ASN A 109 -15.47 -35.55 21.96
C ASN A 109 -14.23 -34.83 21.48
N VAL A 110 -13.09 -35.13 22.14
CA VAL A 110 -11.84 -34.59 21.72
C VAL A 110 -11.45 -34.97 20.30
N ARG A 111 -11.72 -36.21 19.91
CA ARG A 111 -11.33 -36.69 18.57
C ARG A 111 -12.07 -35.95 17.53
N ARG A 112 -13.36 -35.70 17.75
CA ARG A 112 -14.10 -34.97 16.78
C ARG A 112 -13.66 -33.50 16.67
N ILE A 113 -13.32 -32.92 17.78
CA ILE A 113 -12.85 -31.57 17.85
C ILE A 113 -11.57 -31.47 17.10
N ALA A 114 -10.69 -32.44 17.31
CA ALA A 114 -9.43 -32.44 16.60
C ALA A 114 -9.61 -32.60 15.08
N GLU A 115 -10.50 -33.48 14.64
CA GLU A 115 -10.65 -33.64 13.24
C GLU A 115 -11.19 -32.31 12.67
N VAL A 116 -12.13 -31.64 13.34
CA VAL A 116 -12.72 -30.41 12.82
C VAL A 116 -11.68 -29.35 12.77
N ALA A 117 -10.83 -29.28 13.78
CA ALA A 117 -9.83 -28.27 13.82
C ALA A 117 -8.86 -28.46 12.63
N LYS A 118 -8.48 -29.69 12.32
CA LYS A 118 -7.54 -29.92 11.27
C LYS A 118 -8.19 -29.45 9.98
N LEU A 119 -9.46 -29.63 9.85
CA LEU A 119 -10.15 -29.19 8.65
C LEU A 119 -10.10 -27.66 8.56
N PHE A 120 -10.37 -26.99 9.69
CA PHE A 120 -10.23 -25.54 9.67
C PHE A 120 -8.83 -25.08 9.31
N ALA A 121 -7.81 -25.70 9.87
CA ALA A 121 -6.45 -25.40 9.57
C ALA A 121 -6.14 -25.70 8.10
N ASP A 122 -6.69 -26.80 7.57
CA ASP A 122 -6.47 -27.18 6.17
C ASP A 122 -7.02 -26.07 5.29
N ALA A 123 -8.06 -25.40 5.78
CA ALA A 123 -8.86 -24.41 5.00
C ALA A 123 -8.16 -23.03 4.99
N GLY A 124 -7.11 -22.90 5.77
CA GLY A 124 -6.28 -21.73 5.86
C GLY A 124 -6.56 -20.86 7.11
N LEU A 125 -7.45 -21.28 8.02
CA LEU A 125 -7.75 -20.51 9.19
C LEU A 125 -6.83 -20.87 10.35
N VAL A 126 -6.67 -19.90 11.29
CA VAL A 126 -6.11 -20.16 12.56
C VAL A 126 -7.33 -20.70 13.38
N CYS A 127 -7.29 -21.97 13.70
CA CYS A 127 -8.33 -22.60 14.49
C CYS A 127 -7.87 -22.62 15.95
N ILE A 128 -8.73 -22.09 16.80
CA ILE A 128 -8.38 -22.04 18.23
C ILE A 128 -9.35 -22.94 18.91
N THR A 129 -8.86 -23.86 19.71
CA THR A 129 -9.72 -24.72 20.44
C THR A 129 -9.57 -24.54 21.89
N SER A 130 -10.70 -24.61 22.50
CA SER A 130 -10.83 -24.20 23.88
C SER A 130 -11.45 -25.27 24.83
N PHE A 131 -10.81 -26.40 25.10
CA PHE A 131 -11.45 -27.47 25.86
C PHE A 131 -10.39 -27.90 26.85
N ILE A 132 -10.89 -28.39 27.97
CA ILE A 132 -10.01 -28.80 29.06
C ILE A 132 -9.02 -29.84 28.51
N SER A 133 -9.54 -30.80 27.75
CA SER A 133 -8.77 -31.83 27.03
C SER A 133 -7.72 -32.42 27.97
N PRO A 134 -8.20 -33.05 29.06
CA PRO A 134 -7.28 -33.38 30.20
C PRO A 134 -6.25 -34.47 29.98
N TYR A 135 -6.44 -35.28 28.96
CA TYR A 135 -5.62 -36.46 28.86
C TYR A 135 -4.56 -36.37 27.78
N THR A 136 -3.37 -36.79 28.15
CA THR A 136 -2.23 -36.57 27.31
C THR A 136 -2.51 -37.35 26.00
N GLN A 137 -3.09 -38.54 26.15
CA GLN A 137 -3.22 -39.38 24.95
C GLN A 137 -4.14 -38.70 23.92
N ASP A 138 -5.18 -38.02 24.40
CA ASP A 138 -6.14 -37.37 23.48
C ASP A 138 -5.51 -36.16 22.78
N ARG A 139 -4.68 -35.42 23.50
CA ARG A 139 -4.04 -34.29 22.92
C ARG A 139 -2.92 -34.66 21.98
N ASN A 140 -2.13 -35.68 22.32
CA ASN A 140 -1.12 -36.21 21.35
C ASN A 140 -1.77 -36.76 20.11
N ASN A 141 -2.92 -37.38 20.25
CA ASN A 141 -3.62 -37.79 19.06
C ASN A 141 -4.02 -36.54 18.27
N ALA A 142 -4.51 -35.47 18.91
CA ALA A 142 -4.94 -34.30 18.10
C ALA A 142 -3.68 -33.70 17.41
N ARG A 143 -2.53 -33.68 18.07
CA ARG A 143 -1.33 -33.17 17.50
C ARG A 143 -0.96 -34.01 16.25
N GLN A 144 -1.10 -35.31 16.36
CA GLN A 144 -0.61 -36.22 15.30
C GLN A 144 -1.52 -36.12 14.05
N ILE A 145 -2.84 -35.99 14.22
CA ILE A 145 -3.77 -35.80 13.11
C ILE A 145 -3.34 -34.53 12.37
N HIS A 146 -2.81 -33.52 13.10
CA HIS A 146 -2.31 -32.25 12.46
C HIS A 146 -0.93 -32.46 11.76
N GLU A 147 0.06 -32.94 12.51
CA GLU A 147 1.41 -33.12 12.01
C GLU A 147 1.46 -34.13 10.77
N GLY A 148 0.68 -35.18 10.81
CA GLY A 148 0.61 -36.09 9.68
C GLY A 148 0.02 -35.46 8.45
N ALA A 149 -0.50 -34.23 8.60
CA ALA A 149 -1.05 -33.57 7.45
C ALA A 149 -0.34 -32.23 7.21
N SER A 150 0.83 -32.11 7.79
CA SER A 150 1.72 -30.97 7.65
C SER A 150 1.05 -29.65 8.06
N LEU A 151 0.22 -29.71 9.10
CA LEU A 151 -0.41 -28.52 9.66
C LEU A 151 0.13 -28.28 11.06
N PRO A 152 0.61 -27.09 11.32
CA PRO A 152 1.15 -26.73 12.61
C PRO A 152 0.09 -26.84 13.74
N PHE A 153 0.54 -27.26 14.90
CA PHE A 153 -0.30 -27.56 16.03
C PHE A 153 0.46 -26.96 17.20
N PHE A 154 -0.19 -26.06 17.90
CA PHE A 154 0.49 -25.42 18.98
C PHE A 154 -0.32 -25.78 20.22
N GLU A 155 0.25 -26.60 21.07
CA GLU A 155 -0.34 -26.97 22.33
C GLU A 155 0.04 -25.90 23.41
N VAL A 156 -0.99 -25.24 23.88
CA VAL A 156 -0.85 -24.15 24.84
C VAL A 156 -1.51 -24.55 26.13
N PHE A 157 -0.68 -24.67 27.14
CA PHE A 157 -1.07 -25.09 28.43
C PHE A 157 -1.39 -23.86 29.24
N VAL A 158 -2.69 -23.66 29.46
CA VAL A 158 -3.18 -22.53 30.25
C VAL A 158 -3.13 -23.06 31.68
N ASP A 159 -2.03 -22.72 32.37
CA ASP A 159 -1.65 -23.35 33.59
C ASP A 159 -1.96 -22.50 34.88
N ALA A 160 -3.00 -22.84 35.63
CA ALA A 160 -3.16 -22.20 36.94
C ALA A 160 -3.45 -23.32 37.98
N PRO A 161 -2.96 -23.17 39.20
CA PRO A 161 -3.23 -24.19 40.22
C PRO A 161 -4.69 -24.45 40.40
N LEU A 162 -4.94 -25.69 40.80
CA LEU A 162 -6.32 -26.12 40.97
C LEU A 162 -6.98 -25.25 42.03
N HIS A 163 -6.29 -24.97 43.11
CA HIS A 163 -6.90 -24.09 44.13
C HIS A 163 -7.31 -22.71 43.55
N VAL A 164 -6.44 -22.15 42.69
CA VAL A 164 -6.79 -20.87 42.07
C VAL A 164 -8.04 -20.97 41.19
N CYS A 165 -8.18 -22.06 40.42
CA CYS A 165 -9.30 -22.18 39.51
C CYS A 165 -10.62 -22.39 40.30
N GLU A 166 -10.46 -23.08 41.42
CA GLU A 166 -11.54 -23.26 42.38
C GLU A 166 -11.90 -21.89 42.95
N GLN A 167 -10.92 -21.16 43.44
CA GLN A 167 -11.17 -19.78 43.91
C GLN A 167 -11.99 -19.05 42.87
N ARG A 168 -11.56 -19.06 41.62
CA ARG A 168 -12.28 -18.29 40.61
C ARG A 168 -13.70 -18.78 40.40
N ASP A 169 -13.87 -20.11 40.46
CA ASP A 169 -15.13 -20.77 40.19
C ASP A 169 -16.09 -19.95 39.32
N VAL A 170 -15.60 -19.60 38.13
CA VAL A 170 -16.27 -18.77 37.15
C VAL A 170 -17.72 -19.15 36.78
N LYS A 171 -18.06 -20.42 36.79
CA LYS A 171 -19.40 -20.78 36.42
C LYS A 171 -20.05 -21.58 37.55
N GLY A 172 -19.41 -21.62 38.71
CA GLY A 172 -19.94 -22.31 39.86
C GLY A 172 -19.86 -23.81 39.76
N LEU A 173 -19.13 -24.33 38.78
CA LEU A 173 -18.93 -25.78 38.59
C LEU A 173 -18.09 -26.49 39.69
N TYR A 174 -17.08 -25.82 40.26
CA TYR A 174 -16.30 -26.45 41.33
C TYR A 174 -17.16 -26.72 42.61
N LYS A 175 -18.09 -25.82 42.93
CA LYS A 175 -18.88 -25.85 44.22
C LYS A 175 -19.96 -26.91 44.18
N LYS A 176 -20.32 -27.21 42.93
CA LYS A 176 -21.28 -28.21 42.48
C LYS A 176 -20.61 -29.57 42.32
N ALA A 177 -19.29 -29.62 42.22
CA ALA A 177 -18.59 -30.89 42.16
C ALA A 177 -18.21 -31.35 43.56
N ARG A 178 -17.96 -30.39 44.47
CA ARG A 178 -17.48 -30.65 45.84
C ARG A 178 -18.63 -31.27 46.67
N ALA A 179 -19.83 -31.25 46.11
CA ALA A 179 -21.05 -31.56 46.83
C ALA A 179 -21.86 -32.53 45.98
N GLY A 180 -21.18 -33.31 45.15
CA GLY A 180 -21.82 -33.99 44.03
C GLY A 180 -23.02 -33.30 43.33
N GLU A 181 -22.82 -33.11 42.04
CA GLU A 181 -23.48 -33.98 41.08
C GLU A 181 -22.81 -33.66 39.75
N ILE A 182 -21.50 -33.40 39.81
CA ILE A 182 -20.72 -33.62 38.60
C ILE A 182 -19.59 -34.63 38.78
N LYS A 183 -19.84 -35.71 38.05
CA LYS A 183 -18.90 -36.73 37.57
C LYS A 183 -17.48 -36.82 38.13
N GLY A 184 -16.55 -37.05 37.22
CA GLY A 184 -15.13 -36.94 37.51
C GLY A 184 -14.72 -35.58 36.98
N PHE A 185 -15.35 -34.51 37.51
CA PHE A 185 -14.94 -33.16 37.15
C PHE A 185 -13.44 -33.12 37.21
N THR A 186 -12.81 -32.85 36.07
CA THR A 186 -11.37 -32.93 36.04
C THR A 186 -10.75 -31.97 37.12
N GLY A 187 -9.68 -32.44 37.76
CA GLY A 187 -9.04 -31.79 38.90
C GLY A 187 -9.49 -32.27 40.27
N ILE A 188 -10.73 -32.78 40.33
CA ILE A 188 -11.38 -33.18 41.57
C ILE A 188 -11.60 -34.72 41.66
N ASP A 189 -12.45 -35.24 40.78
CA ASP A 189 -12.70 -36.68 40.70
C ASP A 189 -12.13 -37.32 39.40
N SER A 190 -11.70 -36.52 38.42
CA SER A 190 -10.76 -36.97 37.34
C SER A 190 -9.39 -36.33 37.46
N GLU A 191 -8.49 -36.78 36.62
CA GLU A 191 -7.16 -36.24 36.61
C GLU A 191 -6.98 -35.25 35.45
N TYR A 192 -6.07 -34.31 35.67
CA TYR A 192 -5.65 -33.50 34.60
C TYR A 192 -4.19 -33.90 34.45
N GLU A 193 -3.79 -34.26 33.22
CA GLU A 193 -2.42 -34.69 32.95
C GLU A 193 -1.74 -33.53 32.23
N LYS A 194 -0.75 -32.93 32.84
CA LYS A 194 -0.11 -31.73 32.33
C LYS A 194 0.64 -32.13 31.11
N PRO A 195 0.63 -31.28 30.08
CA PRO A 195 1.47 -31.53 28.89
C PRO A 195 2.96 -31.59 29.23
N GLU A 196 3.71 -32.53 28.65
CA GLU A 196 5.15 -32.65 28.89
C GLU A 196 5.98 -31.72 27.97
N ALA A 197 5.52 -31.47 26.74
CA ALA A 197 6.30 -30.60 25.82
C ALA A 197 5.35 -29.62 25.07
N PRO A 198 4.63 -28.82 25.85
CA PRO A 198 3.80 -27.78 25.25
C PRO A 198 4.64 -26.77 24.53
N GLU A 199 4.12 -26.26 23.43
CA GLU A 199 4.75 -25.17 22.72
C GLU A 199 4.71 -23.92 23.55
N LEU A 200 3.78 -23.85 24.52
CA LEU A 200 3.78 -22.67 25.36
C LEU A 200 3.05 -22.96 26.65
N VAL A 201 3.57 -22.43 27.75
CA VAL A 201 2.89 -22.49 29.01
C VAL A 201 2.45 -21.07 29.44
N LEU A 202 1.16 -20.88 29.68
CA LEU A 202 0.61 -19.58 30.21
C LEU A 202 0.26 -19.69 31.66
N LYS A 203 1.02 -18.96 32.49
CA LYS A 203 0.91 -19.04 33.94
C LYS A 203 -0.13 -17.97 34.32
N THR A 204 -1.41 -18.28 34.20
CA THR A 204 -2.41 -17.26 34.37
C THR A 204 -2.60 -16.69 35.78
N ASP A 205 -1.89 -17.21 36.79
CA ASP A 205 -1.97 -16.68 38.15
C ASP A 205 -0.83 -15.75 38.45
N SER A 206 0.04 -15.58 37.46
CA SER A 206 1.20 -14.75 37.58
C SER A 206 1.28 -13.82 36.37
N CYS A 207 0.25 -13.64 35.55
CA CYS A 207 0.36 -12.83 34.38
C CYS A 207 -1.04 -12.37 34.05
N ASP A 208 -1.16 -11.37 33.20
CA ASP A 208 -2.50 -10.92 32.79
C ASP A 208 -2.94 -11.37 31.39
N VAL A 209 -4.12 -10.96 30.99
CA VAL A 209 -4.60 -11.39 29.73
C VAL A 209 -3.67 -10.88 28.62
N ASN A 210 -3.19 -9.64 28.71
CA ASN A 210 -2.27 -9.14 27.69
C ASN A 210 -0.99 -9.95 27.62
N ASP A 211 -0.49 -10.40 28.77
CA ASP A 211 0.66 -11.28 28.85
C ASP A 211 0.37 -12.56 28.05
N CYS A 212 -0.77 -13.19 28.29
CA CYS A 212 -1.19 -14.34 27.57
C CYS A 212 -1.22 -14.12 26.12
N VAL A 213 -1.88 -13.06 25.68
CA VAL A 213 -2.09 -12.88 24.25
C VAL A 213 -0.77 -12.59 23.61
N GLN A 214 0.08 -11.86 24.30
CA GLN A 214 1.35 -11.53 23.71
C GLN A 214 2.25 -12.78 23.59
N GLN A 215 2.20 -13.64 24.58
CA GLN A 215 3.04 -14.82 24.54
C GLN A 215 2.59 -15.69 23.37
N VAL A 216 1.25 -15.82 23.17
CA VAL A 216 0.73 -16.63 22.07
C VAL A 216 1.03 -15.99 20.73
N VAL A 217 0.77 -14.69 20.61
CA VAL A 217 1.11 -14.01 19.37
C VAL A 217 2.60 -14.13 19.07
N GLU A 218 3.48 -13.94 20.03
CA GLU A 218 4.93 -14.07 19.72
C GLU A 218 5.27 -15.52 19.28
N LEU A 219 4.61 -16.53 19.84
CA LEU A 219 4.83 -17.85 19.36
C LEU A 219 4.45 -17.89 17.90
N LEU A 220 3.27 -17.39 17.58
CA LEU A 220 2.81 -17.53 16.23
C LEU A 220 3.62 -16.74 15.20
N GLN A 221 4.21 -15.66 15.67
CA GLN A 221 5.16 -14.88 14.88
C GLN A 221 6.47 -15.64 14.71
N GLU A 222 7.07 -16.16 15.78
CA GLU A 222 8.25 -17.04 15.70
C GLU A 222 7.97 -18.15 14.62
N ARG A 223 6.76 -18.72 14.63
CA ARG A 223 6.42 -19.84 13.72
C ARG A 223 5.80 -19.46 12.41
N ASP A 224 5.85 -18.18 12.02
CA ASP A 224 5.44 -17.70 10.71
C ASP A 224 3.99 -17.82 10.41
N ILE A 225 3.17 -17.79 11.45
CA ILE A 225 1.73 -17.76 11.19
C ILE A 225 1.25 -16.32 11.16
N VAL A 226 1.75 -15.51 12.07
CA VAL A 226 1.35 -14.13 12.16
C VAL A 226 2.57 -13.35 11.68
N PRO A 227 2.43 -12.51 10.72
CA PRO A 227 3.62 -11.73 10.27
C PRO A 227 4.02 -10.62 11.28
N VAL A 228 5.28 -10.28 11.26
CA VAL A 228 5.82 -9.15 11.98
C VAL A 228 5.68 -7.87 11.09
N ASP A 229 4.73 -6.99 11.40
CA ASP A 229 4.53 -5.75 10.70
C ASP A 229 5.66 -4.78 10.90
N ALA A 230 5.83 -3.91 9.90
CA ALA A 230 6.85 -2.89 9.95
C ALA A 230 6.53 -1.99 11.21
N SER A 231 7.56 -1.56 11.88
CA SER A 231 7.36 -0.85 13.18
C SER A 231 8.28 0.38 13.28
N TYR A 232 7.94 1.31 14.13
CA TYR A 232 8.82 2.46 14.38
C TYR A 232 9.67 2.25 15.64
N GLU A 233 9.65 1.06 16.24
CA GLU A 233 10.32 0.81 17.48
C GLU A 233 11.79 1.00 17.16
N VAL A 234 12.51 1.83 17.91
CA VAL A 234 13.87 2.17 17.54
C VAL A 234 14.68 0.98 17.15
N LYS A 235 15.45 1.13 16.08
CA LYS A 235 16.29 0.08 15.65
C LYS A 235 17.67 0.63 15.35
N GLU A 236 18.58 0.49 16.29
CA GLU A 236 19.95 0.91 16.08
C GLU A 236 20.59 -0.03 15.26
N LEU A 237 21.45 0.45 14.40
CA LEU A 237 22.30 -0.35 13.62
C LEU A 237 23.77 -0.52 14.12
N TYR A 238 24.08 0.06 15.26
CA TYR A 238 25.35 -0.27 15.99
C TYR A 238 25.45 -1.74 16.37
N VAL A 239 26.60 -2.38 16.12
CA VAL A 239 26.93 -3.68 16.72
C VAL A 239 26.99 -3.49 18.18
N PRO A 240 26.42 -4.45 18.92
CA PRO A 240 26.61 -4.52 20.39
C PRO A 240 28.08 -4.32 20.84
N GLU A 241 28.32 -3.49 21.85
CA GLU A 241 29.68 -3.25 22.49
C GLU A 241 30.50 -4.53 22.70
N ASN A 242 29.84 -5.60 23.11
CA ASN A 242 30.57 -6.84 23.40
C ASN A 242 30.93 -7.58 22.10
N LYS A 243 30.30 -7.21 20.98
CA LYS A 243 30.69 -7.77 19.66
C LYS A 243 31.60 -6.82 18.90
N LEU A 244 31.79 -5.64 19.46
CA LEU A 244 32.54 -4.60 18.75
C LEU A 244 33.96 -4.98 18.23
N HIS A 245 34.80 -5.53 19.13
CA HIS A 245 36.20 -5.68 18.86
C HIS A 245 36.32 -6.75 17.72
N LEU A 246 35.49 -7.77 17.84
CA LEU A 246 35.37 -8.79 16.82
C LEU A 246 35.00 -8.21 15.46
N ALA A 247 33.99 -7.36 15.50
CA ALA A 247 33.47 -6.80 14.23
C ALA A 247 34.54 -5.96 13.53
N LYS A 248 35.26 -5.18 14.35
CA LYS A 248 36.50 -4.48 13.93
C LYS A 248 37.57 -5.34 13.32
N THR A 249 37.93 -6.43 14.00
CA THR A 249 38.83 -7.39 13.38
C THR A 249 38.20 -7.84 12.05
N ASP A 250 37.00 -8.40 12.14
CA ASP A 250 36.33 -8.79 10.89
C ASP A 250 36.38 -7.65 9.83
N ALA A 251 36.20 -6.38 10.22
CA ALA A 251 36.20 -5.25 9.26
C ALA A 251 37.51 -5.06 8.59
N GLU A 252 38.58 -5.48 9.27
CA GLU A 252 39.92 -5.33 8.73
C GLU A 252 40.18 -6.19 7.52
N THR A 253 39.65 -7.41 7.55
CA THR A 253 39.79 -8.31 6.41
C THR A 253 38.98 -7.88 5.13
N LEU A 254 38.13 -6.85 5.17
CA LEU A 254 37.25 -6.53 3.99
C LEU A 254 37.77 -5.48 3.05
N PRO A 255 37.32 -5.52 1.80
CA PRO A 255 37.67 -4.39 0.94
C PRO A 255 37.00 -3.18 1.61
N ALA A 256 37.34 -2.01 1.12
CA ALA A 256 36.93 -0.79 1.78
C ALA A 256 36.50 0.28 0.81
N LEU A 257 35.61 1.12 1.33
CA LEU A 257 35.09 2.23 0.58
C LEU A 257 35.22 3.47 1.44
N LYS A 258 35.88 4.44 0.83
CA LYS A 258 36.11 5.66 1.52
C LYS A 258 34.89 6.49 1.36
N ILE A 259 34.37 6.96 2.48
CA ILE A 259 33.27 7.90 2.52
C ILE A 259 33.64 9.24 3.04
N ASN A 260 32.78 10.26 2.80
CA ASN A 260 33.03 11.66 3.18
C ASN A 260 32.26 12.00 4.35
N LYS A 261 32.29 13.25 4.78
CA LYS A 261 31.65 13.60 6.05
C LYS A 261 30.11 13.63 6.03
N VAL A 262 29.51 14.05 4.93
CA VAL A 262 28.04 14.03 4.87
C VAL A 262 27.55 12.58 4.96
N ASP A 263 28.23 11.64 4.29
CA ASP A 263 27.95 10.26 4.36
C ASP A 263 28.06 9.79 5.79
N MET A 264 29.17 10.15 6.47
CA MET A 264 29.41 9.67 7.82
C MET A 264 28.27 10.16 8.64
N GLN A 265 27.81 11.35 8.39
CA GLN A 265 26.63 11.84 9.18
C GLN A 265 25.25 11.03 8.92
N TRP A 266 25.11 10.58 7.67
CA TRP A 266 23.96 9.70 7.33
C TRP A 266 24.23 8.35 8.02
N VAL A 267 25.52 7.92 8.08
CA VAL A 267 25.89 6.72 8.84
C VAL A 267 25.47 6.85 10.22
N GLN A 268 25.44 8.06 10.73
CA GLN A 268 24.93 8.22 12.09
C GLN A 268 23.48 8.33 12.32
N VAL A 269 22.80 9.02 11.39
CA VAL A 269 21.37 8.87 11.32
C VAL A 269 21.02 7.41 11.35
N LEU A 270 21.62 6.59 10.49
CA LEU A 270 21.19 5.22 10.51
C LEU A 270 21.51 4.45 11.80
N ALA A 271 22.76 4.63 12.28
CA ALA A 271 23.34 3.92 13.43
C ALA A 271 22.43 4.05 14.62
N GLU A 272 21.93 5.27 14.81
CA GLU A 272 21.13 5.57 15.93
C GLU A 272 19.67 5.28 15.86
N GLY A 273 19.19 4.88 14.66
CA GLY A 273 17.81 4.50 14.59
C GLY A 273 16.87 5.58 14.07
N TRP A 274 17.36 6.74 13.63
CA TRP A 274 16.40 7.81 13.27
C TRP A 274 15.61 7.39 11.99
N ALA A 275 16.19 6.54 11.19
CA ALA A 275 15.53 5.98 9.98
C ALA A 275 14.99 4.62 10.20
N THR A 276 14.63 4.30 11.41
CA THR A 276 14.00 3.03 11.74
C THR A 276 12.78 2.86 10.79
N PRO A 277 12.49 1.70 10.28
CA PRO A 277 13.24 0.43 10.42
C PRO A 277 14.19 0.08 9.34
N LEU A 278 14.80 1.05 8.66
CA LEU A 278 15.80 0.63 7.74
C LEU A 278 16.90 -0.25 8.39
N ASN A 279 17.39 -1.21 7.63
CA ASN A 279 18.44 -2.08 8.09
C ASN A 279 19.78 -1.61 7.54
N GLY A 280 19.81 -0.50 6.77
CA GLY A 280 21.03 0.02 6.19
C GLY A 280 20.73 1.08 5.15
N PHE A 281 21.66 1.41 4.28
CA PHE A 281 21.41 2.32 3.20
C PHE A 281 20.32 1.62 2.32
N MET A 282 19.40 2.43 1.81
CA MET A 282 18.20 1.87 1.05
C MET A 282 18.61 1.04 -0.07
N ARG A 283 18.02 -0.15 -0.15
CA ARG A 283 18.07 -0.92 -1.41
C ARG A 283 17.11 -0.33 -2.47
N GLU A 284 17.20 -0.80 -3.68
CA GLU A 284 16.50 -0.23 -4.83
C GLU A 284 15.05 -0.11 -4.58
N ARG A 285 14.49 -1.19 -4.09
CA ARG A 285 13.10 -1.32 -3.85
C ARG A 285 12.67 -0.24 -2.82
N GLU A 286 13.48 -0.04 -1.76
CA GLU A 286 13.19 1.01 -0.77
C GLU A 286 13.40 2.40 -1.35
N TYR A 287 14.46 2.60 -2.17
CA TYR A 287 14.66 3.89 -2.74
C TYR A 287 13.44 4.28 -3.67
N LEU A 288 12.96 3.34 -4.46
CA LEU A 288 11.89 3.67 -5.36
C LEU A 288 10.58 3.93 -4.60
N GLN A 289 10.35 3.22 -3.53
CA GLN A 289 9.16 3.51 -2.74
C GLN A 289 9.30 4.85 -2.20
N CYS A 290 10.50 5.19 -1.76
CA CYS A 290 10.64 6.43 -1.07
C CYS A 290 10.37 7.59 -2.06
N LEU A 291 10.97 7.53 -3.24
CA LEU A 291 10.90 8.60 -4.23
C LEU A 291 9.49 8.73 -4.82
N HIS A 292 8.78 7.62 -5.02
CA HIS A 292 7.46 7.78 -5.61
C HIS A 292 6.37 7.96 -4.59
N PHE A 293 6.44 7.29 -3.43
CA PHE A 293 5.35 7.32 -2.47
C PHE A 293 5.60 7.96 -1.15
N ASP A 294 6.85 8.38 -0.89
CA ASP A 294 7.28 8.96 0.35
C ASP A 294 7.17 8.06 1.55
N CYS A 295 7.04 6.78 1.30
CA CYS A 295 6.79 5.77 2.34
C CYS A 295 7.57 4.51 2.01
N LEU A 296 7.96 3.72 3.04
CA LEU A 296 8.33 2.35 2.84
C LEU A 296 7.05 1.57 2.99
N LEU A 297 6.83 0.62 2.12
CA LEU A 297 5.60 -0.14 2.18
C LEU A 297 5.68 -1.61 2.56
N ASP A 298 6.84 -2.26 2.51
CA ASP A 298 6.91 -3.67 2.90
C ASP A 298 6.61 -3.93 4.37
N GLY A 299 5.52 -4.66 4.63
CA GLY A 299 5.13 -5.07 5.97
C GLY A 299 4.39 -3.92 6.67
N GLY A 300 3.89 -2.93 5.91
CA GLY A 300 3.12 -1.83 6.51
C GLY A 300 3.69 -0.50 6.03
N VAL A 301 2.90 0.49 6.15
CA VAL A 301 3.18 1.81 5.67
C VAL A 301 4.05 2.54 6.68
N ILE A 302 5.22 2.95 6.26
CA ILE A 302 6.16 3.65 7.12
C ILE A 302 6.49 4.97 6.38
N ASN A 303 6.26 6.12 6.95
CA ASN A 303 6.78 7.36 6.34
C ASN A 303 8.32 7.49 6.27
N LEU A 304 8.85 7.70 5.08
CA LEU A 304 10.26 7.92 4.87
C LEU A 304 10.37 8.49 3.52
N SER A 305 10.55 9.77 3.50
CA SER A 305 10.43 10.60 2.35
C SER A 305 11.70 11.04 1.71
N VAL A 306 12.89 10.72 2.27
CA VAL A 306 14.10 11.16 1.71
C VAL A 306 14.93 9.95 1.55
N PRO A 307 15.56 9.84 0.42
CA PRO A 307 16.47 8.78 0.18
C PRO A 307 17.60 8.75 1.29
N ILE A 308 18.04 7.57 1.72
CA ILE A 308 19.17 7.37 2.68
C ILE A 308 19.98 6.35 2.02
N VAL A 309 20.84 6.89 1.22
CA VAL A 309 21.56 6.12 0.29
C VAL A 309 23.05 6.38 0.38
N LEU A 310 23.82 5.41 -0.07
CA LEU A 310 25.26 5.59 -0.24
C LEU A 310 25.56 5.54 -1.72
N THR A 311 26.33 6.49 -2.19
CA THR A 311 26.72 6.56 -3.57
C THR A 311 28.09 5.92 -3.85
N ALA A 312 28.42 5.79 -5.13
CA ALA A 312 29.64 5.17 -5.58
C ALA A 312 29.79 5.48 -7.06
N THR A 313 31.03 5.68 -7.46
CA THR A 313 31.40 5.86 -8.89
C THR A 313 31.36 4.51 -9.64
N HIS A 314 31.44 4.59 -10.97
CA HIS A 314 31.52 3.42 -11.83
C HIS A 314 32.74 2.56 -11.40
N GLU A 315 33.82 3.20 -10.95
CA GLU A 315 35.08 2.52 -10.55
C GLU A 315 34.92 1.74 -9.22
N ASP A 316 34.23 2.35 -8.27
CA ASP A 316 34.01 1.71 -6.98
C ASP A 316 33.00 0.62 -7.11
N LYS A 317 32.06 0.79 -8.03
CA LYS A 317 31.08 -0.27 -8.25
C LYS A 317 31.76 -1.53 -8.82
N GLU A 318 32.67 -1.35 -9.75
CA GLU A 318 33.18 -2.52 -10.43
C GLU A 318 34.13 -3.22 -9.51
N ARG A 319 34.91 -2.45 -8.76
CA ARG A 319 35.63 -3.01 -7.67
C ARG A 319 34.82 -3.84 -6.66
N LEU A 320 33.73 -3.29 -6.10
CA LEU A 320 33.05 -3.92 -4.95
C LEU A 320 31.92 -4.85 -5.31
N ASP A 321 31.48 -4.76 -6.54
CA ASP A 321 30.30 -5.50 -7.04
C ASP A 321 30.77 -6.97 -7.00
N GLY A 322 30.01 -7.81 -6.32
CA GLY A 322 30.48 -9.16 -6.14
C GLY A 322 30.94 -9.49 -4.74
N CYS A 323 31.39 -8.52 -3.96
CA CYS A 323 31.78 -8.84 -2.60
C CYS A 323 30.55 -8.86 -1.65
N THR A 324 30.56 -9.68 -0.60
CA THR A 324 29.38 -9.84 0.22
C THR A 324 29.40 -8.91 1.41
N ALA A 325 30.50 -8.15 1.50
CA ALA A 325 30.64 -7.25 2.61
C ALA A 325 31.83 -6.35 2.36
N PHE A 326 31.67 -5.10 2.73
CA PHE A 326 32.76 -4.18 2.65
C PHE A 326 32.62 -3.20 3.71
N ALA A 327 33.74 -2.54 4.01
CA ALA A 327 33.89 -1.67 5.15
C ALA A 327 33.80 -0.30 4.66
N LEU A 328 33.18 0.57 5.43
CA LEU A 328 33.25 1.98 5.14
C LEU A 328 34.28 2.72 6.01
N MET A 329 35.03 3.58 5.35
CA MET A 329 36.24 4.17 5.93
C MET A 329 36.08 5.66 5.91
N TYR A 330 35.93 6.27 7.07
CA TYR A 330 35.97 7.71 7.22
C TYR A 330 37.32 8.15 7.98
N GLU A 331 38.11 9.06 7.38
CA GLU A 331 39.37 9.58 8.00
C GLU A 331 40.18 8.40 8.39
N GLY A 332 40.36 7.54 7.39
CA GLY A 332 41.17 6.36 7.48
C GLY A 332 40.77 5.28 8.47
N ARG A 333 39.71 5.48 9.28
CA ARG A 333 39.12 4.42 10.13
C ARG A 333 37.92 3.62 9.48
N ARG A 334 37.94 2.30 9.67
CA ARG A 334 36.86 1.42 9.31
C ARG A 334 35.66 1.68 10.29
N VAL A 335 34.61 2.40 9.84
CA VAL A 335 33.54 2.81 10.75
C VAL A 335 32.26 1.96 10.65
N ALA A 336 32.15 1.10 9.63
CA ALA A 336 30.93 0.30 9.45
C ALA A 336 31.16 -0.63 8.37
N ILE A 337 30.35 -1.69 8.45
CA ILE A 337 30.47 -2.78 7.48
C ILE A 337 29.06 -2.76 6.73
N LEU A 338 29.07 -2.86 5.43
CA LEU A 338 27.81 -2.97 4.68
C LEU A 338 27.82 -4.34 4.12
N ARG A 339 26.96 -5.17 4.62
CA ARG A 339 26.76 -6.53 4.13
C ARG A 339 25.62 -6.70 3.05
N ASN A 340 25.83 -7.65 2.18
CA ASN A 340 24.89 -8.08 1.20
C ASN A 340 24.54 -6.87 0.39
N PRO A 341 25.51 -6.23 -0.20
CA PRO A 341 25.23 -4.95 -0.85
C PRO A 341 24.53 -5.14 -2.18
N GLU A 342 23.76 -4.12 -2.63
CA GLU A 342 23.29 -4.10 -4.03
C GLU A 342 23.55 -2.78 -4.63
N PHE A 343 23.85 -2.78 -5.92
CA PHE A 343 24.20 -1.64 -6.71
C PHE A 343 23.08 -1.33 -7.67
N PHE A 344 22.67 -0.07 -7.69
CA PHE A 344 21.65 0.33 -8.64
C PHE A 344 21.86 1.74 -9.03
N GLU A 345 21.25 2.14 -10.11
CA GLU A 345 21.57 3.41 -10.65
C GLU A 345 21.09 4.56 -9.84
N HIS A 346 21.96 5.52 -9.75
CA HIS A 346 21.65 6.85 -9.24
C HIS A 346 21.29 7.71 -10.41
N ARG A 347 20.02 7.68 -10.74
CA ARG A 347 19.48 8.53 -11.78
C ARG A 347 19.32 9.88 -11.17
N LYS A 348 20.30 10.71 -11.32
CA LYS A 348 20.43 11.90 -10.48
C LYS A 348 19.47 12.95 -10.78
N GLU A 349 19.25 13.19 -12.05
CA GLU A 349 18.29 14.25 -12.44
C GLU A 349 16.87 13.89 -11.94
N GLU A 350 16.47 12.65 -12.16
CA GLU A 350 15.20 12.20 -11.70
C GLU A 350 15.04 12.22 -10.20
N ARG A 351 16.08 11.81 -9.47
CA ARG A 351 16.03 11.81 -8.01
C ARG A 351 15.85 13.19 -7.55
N CYS A 352 16.64 14.09 -8.10
CA CYS A 352 16.55 15.46 -7.64
C CYS A 352 15.17 16.08 -7.86
N ALA A 353 14.73 15.98 -9.09
CA ALA A 353 13.37 16.40 -9.50
C ALA A 353 12.30 15.87 -8.57
N ARG A 354 12.29 14.59 -8.31
CA ARG A 354 11.29 14.06 -7.33
C ARG A 354 11.43 14.43 -5.86
N GLN A 355 12.67 14.51 -5.37
CA GLN A 355 12.91 14.92 -3.98
C GLN A 355 12.78 16.33 -3.70
N TRP A 356 13.26 17.18 -4.64
CA TRP A 356 13.26 18.62 -4.33
C TRP A 356 12.22 19.36 -5.15
N GLY A 357 11.64 18.70 -6.11
CA GLY A 357 10.73 19.41 -6.99
C GLY A 357 11.38 20.49 -7.89
N THR A 358 12.67 20.37 -8.16
CA THR A 358 13.44 21.25 -9.04
C THR A 358 14.71 20.43 -9.34
N THR A 359 15.37 20.62 -10.46
CA THR A 359 16.72 20.05 -10.72
C THR A 359 17.83 21.10 -10.78
N CYS A 360 17.50 22.34 -10.39
CA CYS A 360 18.42 23.40 -10.26
C CYS A 360 19.79 22.98 -9.64
N LYS A 361 20.79 23.00 -10.52
CA LYS A 361 22.23 22.74 -10.31
C LYS A 361 22.83 23.47 -9.10
N ASN A 362 22.32 24.63 -8.81
CA ASN A 362 22.87 25.49 -7.76
C ASN A 362 22.17 25.43 -6.44
N HIS A 363 21.23 24.50 -6.29
CA HIS A 363 20.69 24.27 -4.99
C HIS A 363 21.80 23.58 -4.29
N PRO A 364 22.10 23.96 -3.09
CA PRO A 364 23.38 23.48 -2.49
C PRO A 364 23.45 22.02 -2.14
N TYR A 365 22.32 21.37 -1.83
CA TYR A 365 22.41 19.89 -1.63
C TYR A 365 22.34 19.22 -2.97
N ILE A 366 21.48 19.71 -3.88
CA ILE A 366 21.49 19.12 -5.18
C ILE A 366 22.92 19.18 -5.81
N LYS A 367 23.58 20.32 -5.64
CA LYS A 367 24.97 20.43 -6.13
C LYS A 367 25.88 19.26 -5.67
N MET A 368 25.82 18.89 -4.42
CA MET A 368 26.50 17.70 -3.99
C MET A 368 26.02 16.45 -4.57
N VAL A 369 24.71 16.28 -4.71
CA VAL A 369 24.25 15.05 -5.31
C VAL A 369 24.79 14.96 -6.73
N MET A 370 24.75 16.09 -7.47
CA MET A 370 25.24 16.06 -8.88
C MET A 370 26.73 15.69 -9.01
N GLU A 371 27.51 15.88 -7.94
CA GLU A 371 28.96 15.53 -7.96
C GLU A 371 29.23 14.11 -7.53
N GLN A 372 28.21 13.39 -7.03
CA GLN A 372 28.39 12.01 -6.61
C GLN A 372 28.43 11.07 -7.76
N GLY A 373 28.73 9.84 -7.43
CA GLY A 373 28.73 8.79 -8.41
C GLY A 373 27.34 8.45 -8.92
N ASP A 374 27.35 7.61 -9.91
CA ASP A 374 26.23 7.28 -10.71
C ASP A 374 25.57 5.95 -10.22
N TRP A 375 26.10 5.41 -9.12
CA TRP A 375 25.64 4.20 -8.49
C TRP A 375 25.24 4.52 -7.09
N LEU A 376 24.29 3.73 -6.60
CA LEU A 376 23.90 3.69 -5.24
C LEU A 376 24.14 2.29 -4.76
N ILE A 377 24.31 2.18 -3.45
CA ILE A 377 24.55 0.94 -2.83
C ILE A 377 23.69 0.80 -1.63
N GLY A 378 22.89 -0.23 -1.59
CA GLY A 378 22.09 -0.48 -0.41
C GLY A 378 22.66 -1.74 0.18
N GLY A 379 22.40 -1.91 1.47
CA GLY A 379 22.72 -3.16 2.11
C GLY A 379 22.43 -3.04 3.59
N ASP A 380 22.83 -4.03 4.38
CA ASP A 380 22.59 -4.08 5.80
C ASP A 380 23.87 -3.47 6.45
N LEU A 381 23.63 -2.43 7.20
CA LEU A 381 24.69 -1.68 7.73
C LEU A 381 24.95 -2.11 9.14
N GLN A 382 26.20 -2.48 9.44
CA GLN A 382 26.54 -2.70 10.85
C GLN A 382 27.57 -1.59 11.21
N VAL A 383 27.18 -0.71 12.10
CA VAL A 383 28.02 0.40 12.47
C VAL A 383 28.86 0.04 13.72
N LEU A 384 30.11 0.48 13.67
CA LEU A 384 31.13 -0.19 14.59
C LEU A 384 31.27 0.81 15.73
N ASP A 385 32.39 1.55 15.76
CA ASP A 385 32.54 2.42 16.91
C ASP A 385 31.45 3.37 16.81
N ARG A 386 31.10 3.74 18.01
CA ARG A 386 30.15 4.72 18.20
C ARG A 386 30.63 6.13 17.72
N VAL A 387 29.70 6.82 17.06
CA VAL A 387 29.96 8.06 16.37
C VAL A 387 30.04 9.27 17.31
N TYR A 388 31.19 9.92 17.30
CA TYR A 388 31.50 11.00 18.28
C TYR A 388 32.27 11.97 17.47
N TRP A 389 32.00 13.24 17.62
CA TRP A 389 32.65 14.16 16.70
C TRP A 389 33.79 15.02 17.41
N ASN A 390 33.95 14.92 18.72
CA ASN A 390 35.23 15.35 19.43
C ASN A 390 35.38 16.83 19.14
N ASP A 391 34.27 17.57 19.21
CA ASP A 391 34.18 18.91 18.69
C ASP A 391 33.61 19.77 19.77
N GLY A 392 33.26 19.18 20.90
CA GLY A 392 32.75 19.93 22.03
C GLY A 392 31.28 19.85 22.17
N LEU A 393 30.62 19.12 21.26
CA LEU A 393 29.13 19.10 21.29
C LEU A 393 28.55 17.67 21.42
N ASP A 394 29.42 16.68 21.46
CA ASP A 394 29.00 15.31 21.58
C ASP A 394 28.05 15.06 22.72
N GLN A 395 27.91 16.00 23.65
CA GLN A 395 27.05 15.84 24.85
C GLN A 395 25.62 16.15 24.50
N TYR A 396 25.46 16.86 23.38
CA TYR A 396 24.08 17.18 22.95
C TYR A 396 23.53 16.10 21.92
N ARG A 397 24.42 15.28 21.39
CA ARG A 397 24.10 14.39 20.27
C ARG A 397 23.62 13.08 20.92
N LEU A 398 22.39 13.17 21.41
CA LEU A 398 21.69 12.09 21.96
C LEU A 398 21.01 11.25 20.88
N THR A 399 21.12 9.93 21.04
CA THR A 399 20.37 9.00 20.19
C THR A 399 18.91 9.06 20.53
N PRO A 400 17.99 8.58 19.64
CA PRO A 400 16.59 8.47 20.06
C PRO A 400 16.31 7.65 21.34
N THR A 401 17.09 6.62 21.60
CA THR A 401 16.95 5.82 22.80
C THR A 401 17.34 6.77 24.01
N GLU A 402 18.53 7.43 23.90
CA GLU A 402 19.02 8.29 24.99
C GLU A 402 17.91 9.30 25.18
N LEU A 403 17.18 9.78 24.15
CA LEU A 403 16.13 10.82 24.38
C LEU A 403 14.91 10.35 25.03
N LYS A 404 14.43 9.23 24.58
CA LYS A 404 13.36 8.52 25.27
C LYS A 404 13.70 8.28 26.76
N GLN A 405 14.92 7.86 27.01
CA GLN A 405 15.35 7.63 28.41
C GLN A 405 15.29 8.93 29.18
N LYS A 406 15.91 9.99 28.59
CA LYS A 406 15.78 11.36 29.12
C LYS A 406 14.35 11.81 29.37
N PHE A 407 13.40 11.47 28.49
CA PHE A 407 12.01 11.95 28.71
C PHE A 407 11.41 11.18 29.84
N LYS A 408 11.76 9.91 29.97
CA LYS A 408 11.12 9.15 31.06
C LYS A 408 11.75 9.62 32.44
N ASP A 409 13.08 9.74 32.51
CA ASP A 409 13.83 10.23 33.68
C ASP A 409 13.23 11.55 34.15
N MET A 410 12.74 12.38 33.24
CA MET A 410 12.06 13.66 33.60
C MET A 410 10.60 13.45 33.83
N ASN A 411 10.15 12.22 33.68
CA ASN A 411 8.73 11.89 33.82
C ASN A 411 7.77 12.77 32.98
N ALA A 412 8.09 13.03 31.71
CA ALA A 412 7.15 13.80 30.88
C ALA A 412 5.93 12.97 30.56
N ASP A 413 4.78 13.64 30.43
CA ASP A 413 3.57 13.02 29.93
C ASP A 413 3.22 13.57 28.51
N ALA A 414 4.11 14.40 27.96
CA ALA A 414 4.03 14.81 26.51
C ALA A 414 5.33 15.45 26.07
N VAL A 415 5.73 15.15 24.82
CA VAL A 415 6.90 15.70 24.32
C VAL A 415 6.55 16.41 23.04
N SER A 416 6.85 17.72 22.93
CA SER A 416 6.75 18.44 21.66
C SER A 416 8.08 18.68 21.08
N ALA A 417 8.12 18.54 19.76
CA ALA A 417 9.42 18.68 19.13
C ALA A 417 9.47 19.96 18.32
N PHE A 418 10.66 20.61 18.29
CA PHE A 418 10.85 21.80 17.42
C PHE A 418 12.07 21.58 16.66
N GLN A 419 11.94 21.15 15.39
CA GLN A 419 13.07 21.09 14.49
C GLN A 419 13.47 22.48 14.12
N LEU A 420 14.77 22.72 13.87
CA LEU A 420 15.26 24.03 13.46
C LEU A 420 16.58 23.99 12.94
N ARG A 421 16.92 25.02 12.15
CA ARG A 421 18.27 25.05 11.67
C ARG A 421 18.91 26.47 11.85
N ASN A 422 18.14 27.40 12.37
CA ASN A 422 18.42 28.82 12.50
C ASN A 422 18.49 29.23 14.01
N PRO A 423 19.12 30.40 14.34
CA PRO A 423 19.14 30.90 15.72
C PRO A 423 17.72 31.03 16.12
N VAL A 424 17.36 30.79 17.36
CA VAL A 424 16.02 31.02 17.80
C VAL A 424 15.78 32.49 18.19
N HIS A 425 14.73 33.01 17.57
CA HIS A 425 14.19 34.28 17.78
C HIS A 425 12.84 33.99 18.29
N ASN A 426 12.13 35.03 18.67
CA ASN A 426 11.01 34.87 19.57
C ASN A 426 9.79 34.65 18.79
N GLY A 427 9.95 34.64 17.50
CA GLY A 427 8.90 34.08 16.65
C GLY A 427 8.85 32.55 16.71
N HIS A 428 9.98 31.88 16.61
CA HIS A 428 10.08 30.46 16.93
C HIS A 428 9.64 30.17 18.38
N ALA A 429 10.22 30.94 19.31
CA ALA A 429 9.92 30.74 20.72
C ALA A 429 8.41 30.86 20.84
N LEU A 430 7.83 31.76 20.14
CA LEU A 430 6.41 31.84 20.33
C LEU A 430 5.74 30.52 19.95
N LEU A 431 6.14 29.92 18.83
CA LEU A 431 5.44 28.72 18.43
C LEU A 431 5.64 27.68 19.60
N MET A 432 6.86 27.56 20.14
CA MET A 432 7.18 26.63 21.21
C MET A 432 6.39 26.97 22.46
N GLN A 433 6.31 28.27 22.81
CA GLN A 433 5.52 28.74 23.97
C GLN A 433 4.03 28.51 23.81
N ASP A 434 3.50 28.74 22.63
CA ASP A 434 2.04 28.54 22.39
C ASP A 434 1.68 27.00 22.31
N THR A 435 2.63 26.18 21.92
CA THR A 435 2.36 24.74 21.91
C THR A 435 2.37 24.24 23.36
N HIS A 436 3.35 24.69 24.14
CA HIS A 436 3.46 24.36 25.56
C HIS A 436 2.17 24.77 26.21
N LYS A 437 1.59 25.86 25.79
CA LYS A 437 0.30 26.25 26.31
C LYS A 437 -0.77 25.33 25.99
N GLN A 438 -0.95 25.06 24.72
CA GLN A 438 -2.00 24.16 24.25
C GLN A 438 -1.99 22.76 24.93
N LEU A 439 -0.81 22.23 25.21
CA LEU A 439 -0.64 20.93 25.87
C LEU A 439 -1.02 21.04 27.39
N LEU A 440 -0.65 22.14 28.08
CA LEU A 440 -1.23 22.52 29.42
C LEU A 440 -2.72 22.58 29.43
N GLU A 441 -3.28 23.30 28.49
CA GLU A 441 -4.73 23.39 28.43
C GLU A 441 -5.36 22.09 28.11
N ARG A 442 -4.65 21.22 27.41
CA ARG A 442 -5.26 19.92 27.18
C ARG A 442 -5.31 19.02 28.45
N GLY A 443 -4.38 19.21 29.38
CA GLY A 443 -4.30 18.39 30.55
C GLY A 443 -2.89 17.91 30.82
N TYR A 444 -1.98 17.98 29.84
CA TYR A 444 -0.67 17.42 30.21
C TYR A 444 -0.08 18.27 31.41
N ARG A 445 0.77 17.71 32.26
CA ARG A 445 1.16 18.42 33.46
C ARG A 445 2.69 18.46 33.49
N ARG A 446 3.32 17.64 32.69
CA ARG A 446 4.75 17.76 32.46
C ARG A 446 5.13 17.67 30.92
N PRO A 447 4.65 18.59 30.10
CA PRO A 447 5.17 18.76 28.72
C PRO A 447 6.63 19.13 28.74
N VAL A 448 7.40 18.44 27.92
CA VAL A 448 8.78 18.69 27.73
C VAL A 448 8.89 19.09 26.26
N LEU A 449 9.80 20.03 26.06
CA LEU A 449 10.18 20.52 24.76
C LEU A 449 11.41 19.92 24.35
N LEU A 450 11.38 19.36 23.14
CA LEU A 450 12.62 18.89 22.62
C LEU A 450 13.00 20.01 21.62
N LEU A 451 14.09 20.72 21.94
CA LEU A 451 14.55 21.75 21.09
C LEU A 451 15.59 21.12 20.41
N HIS A 452 15.37 21.02 19.10
CA HIS A 452 16.12 20.04 18.35
C HIS A 452 16.86 20.50 17.11
N PRO A 453 17.90 21.29 17.30
CA PRO A 453 18.61 21.81 16.15
C PRO A 453 19.25 20.77 15.38
N LEU A 454 19.24 20.96 14.07
CA LEU A 454 19.96 20.06 13.26
C LEU A 454 21.46 20.37 13.21
N GLY A 455 22.34 19.35 13.19
CA GLY A 455 23.82 19.50 13.26
C GLY A 455 24.47 18.75 12.18
N GLY A 456 23.67 18.18 11.20
CA GLY A 456 24.35 17.49 10.15
C GLY A 456 24.72 18.59 9.16
N TRP A 457 25.12 18.24 7.96
CA TRP A 457 25.46 19.27 6.95
C TRP A 457 24.46 20.34 6.74
N THR A 458 24.92 21.59 6.48
CA THR A 458 24.09 22.76 6.32
C THR A 458 24.75 23.59 5.23
N LYS A 459 23.96 24.45 4.59
CA LYS A 459 24.50 25.19 3.44
C LYS A 459 25.39 26.34 3.99
N ASP A 460 26.25 26.90 3.12
CA ASP A 460 27.36 27.87 3.44
C ASP A 460 27.03 29.06 4.24
N ASP A 461 25.93 29.68 3.93
CA ASP A 461 25.54 30.90 4.57
C ASP A 461 24.62 30.69 5.76
N ASP A 462 24.39 29.44 6.21
CA ASP A 462 23.70 29.30 7.49
C ASP A 462 24.69 29.61 8.70
N VAL A 463 24.13 29.92 9.84
CA VAL A 463 24.85 30.03 11.07
C VAL A 463 25.46 28.69 11.50
N PRO A 464 26.83 28.58 11.62
CA PRO A 464 27.43 27.28 12.00
C PRO A 464 26.82 26.73 13.27
N LEU A 465 26.79 25.38 13.34
CA LEU A 465 26.18 24.68 14.52
C LEU A 465 26.68 25.20 15.94
N MET A 466 28.00 25.30 16.13
CA MET A 466 28.59 25.75 17.46
C MET A 466 27.97 27.10 17.84
N TRP A 467 28.05 28.00 16.91
CA TRP A 467 27.36 29.30 17.09
C TRP A 467 25.93 29.13 17.48
N ARG A 468 25.16 28.26 16.76
CA ARG A 468 23.70 28.19 17.07
C ARG A 468 23.48 27.60 18.41
N MET A 469 24.26 26.60 18.74
CA MET A 469 24.07 25.98 20.09
C MET A 469 24.37 27.10 21.22
N LYS A 470 25.50 27.80 21.00
CA LYS A 470 25.87 28.92 22.01
C LYS A 470 24.65 29.86 21.98
N GLN A 471 24.07 30.02 20.78
CA GLN A 471 22.95 30.93 20.70
C GLN A 471 21.75 30.41 21.41
N HIS A 472 21.40 29.11 21.28
CA HIS A 472 20.20 28.66 22.00
C HIS A 472 20.47 28.55 23.51
N ALA A 473 21.71 28.19 23.85
CA ALA A 473 22.08 28.16 25.32
C ALA A 473 21.76 29.48 25.89
N ALA A 474 22.12 30.52 25.11
CA ALA A 474 21.85 31.90 25.58
C ALA A 474 20.36 32.13 25.72
N VAL A 475 19.55 31.61 24.79
CA VAL A 475 18.07 31.87 24.81
C VAL A 475 17.42 31.20 26.02
N LEU A 476 18.07 30.09 26.41
CA LEU A 476 17.59 29.30 27.52
C LEU A 476 18.04 30.03 28.81
N GLU A 477 19.29 30.51 28.84
CA GLU A 477 19.79 31.31 30.01
C GLU A 477 18.84 32.53 30.33
N GLU A 478 18.29 33.15 29.31
CA GLU A 478 17.31 34.23 29.52
C GLU A 478 15.95 33.78 29.85
N GLY A 479 15.73 32.46 29.89
CA GLY A 479 14.40 31.95 30.21
C GLY A 479 13.35 32.24 29.16
N VAL A 480 13.73 32.46 27.90
CA VAL A 480 12.65 32.58 26.87
C VAL A 480 11.98 31.15 26.65
N LEU A 481 12.86 30.18 26.75
CA LEU A 481 12.47 28.80 26.95
C LEU A 481 13.02 28.38 28.32
N ASN A 482 12.20 27.61 29.06
CA ASN A 482 12.54 27.13 30.37
C ASN A 482 13.51 25.95 30.36
N PRO A 483 14.74 26.11 30.84
CA PRO A 483 15.69 24.99 30.80
C PRO A 483 15.23 23.74 31.60
N GLU A 484 14.30 23.89 32.56
CA GLU A 484 13.93 22.74 33.43
C GLU A 484 12.90 21.82 32.68
N THR A 485 12.24 22.38 31.67
CA THR A 485 11.30 21.65 30.79
C THR A 485 11.70 21.56 29.32
N THR A 486 12.99 21.58 29.06
CA THR A 486 13.44 21.66 27.75
C THR A 486 14.64 20.80 27.66
N VAL A 487 14.59 19.91 26.69
CA VAL A 487 15.83 19.17 26.40
C VAL A 487 16.43 19.78 25.15
N VAL A 488 17.75 19.95 25.10
CA VAL A 488 18.36 20.51 24.03
C VAL A 488 19.23 19.44 23.47
N ALA A 489 19.00 19.03 22.22
CA ALA A 489 19.90 18.05 21.59
C ALA A 489 20.01 18.32 20.12
N ILE A 490 21.01 17.76 19.50
CA ILE A 490 21.34 18.00 18.16
C ILE A 490 20.96 16.67 17.29
N PHE A 491 20.18 16.96 16.25
CA PHE A 491 19.67 15.95 15.27
C PHE A 491 20.72 15.80 14.31
N PRO A 492 21.28 14.60 14.16
CA PRO A 492 22.47 14.46 13.34
C PRO A 492 22.27 14.49 11.82
N SER A 493 21.03 14.62 11.34
CA SER A 493 20.83 14.51 9.83
C SER A 493 21.38 15.71 9.14
N PRO A 494 22.01 15.51 8.03
CA PRO A 494 22.18 16.56 7.08
C PRO A 494 20.83 17.18 6.77
N MET A 495 20.93 18.42 6.40
CA MET A 495 19.84 19.28 6.02
C MET A 495 19.83 19.29 4.50
N MET A 496 18.66 19.01 3.94
CA MET A 496 18.51 18.96 2.46
C MET A 496 17.86 20.17 1.83
N TYR A 497 17.12 20.99 2.57
CA TYR A 497 16.41 22.13 2.01
C TYR A 497 15.38 21.65 0.89
N ALA A 498 14.54 20.66 1.22
CA ALA A 498 13.58 20.07 0.31
C ALA A 498 12.18 20.26 0.80
N GLY A 499 11.93 21.24 1.66
CA GLY A 499 10.55 21.63 1.89
C GLY A 499 9.61 20.58 2.43
N PRO A 500 8.44 20.47 1.77
CA PRO A 500 7.41 19.52 2.13
C PRO A 500 7.80 18.09 2.02
N THR A 501 8.75 17.75 1.20
CA THR A 501 9.37 16.45 1.25
C THR A 501 10.22 16.20 2.54
N GLU A 502 11.11 17.12 2.82
CA GLU A 502 11.94 17.09 4.00
C GLU A 502 11.23 17.16 5.34
N VAL A 503 10.17 17.91 5.43
CA VAL A 503 9.59 18.15 6.71
C VAL A 503 8.89 16.88 7.18
N GLN A 504 8.58 15.96 6.25
CA GLN A 504 8.08 14.66 6.67
C GLN A 504 9.18 13.88 7.40
N TRP A 505 10.39 13.93 6.83
CA TRP A 505 11.61 13.34 7.41
C TRP A 505 11.97 13.97 8.86
N HIS A 506 12.00 15.30 8.93
CA HIS A 506 12.14 16.01 10.22
C HIS A 506 11.12 15.49 11.26
N CYS A 507 9.89 15.33 10.78
CA CYS A 507 8.77 14.96 11.65
C CYS A 507 8.86 13.50 12.07
N ARG A 508 8.99 12.61 11.08
CA ARG A 508 9.08 11.23 11.42
C ARG A 508 10.28 10.92 12.34
N ALA A 509 11.42 11.55 12.11
CA ALA A 509 12.59 11.35 12.92
C ALA A 509 12.30 11.68 14.44
N ARG A 510 11.55 12.70 14.67
CA ARG A 510 11.20 13.08 15.99
C ARG A 510 10.16 12.18 16.58
N MET A 511 9.25 11.67 15.75
CA MET A 511 8.29 10.65 16.19
C MET A 511 9.04 9.40 16.65
N VAL A 512 10.09 8.99 15.97
CA VAL A 512 10.83 7.87 16.39
C VAL A 512 11.42 8.07 17.79
N ALA A 513 11.82 9.30 18.04
CA ALA A 513 12.55 9.69 19.31
C ALA A 513 11.62 9.95 20.42
N GLY A 514 10.34 9.87 20.09
CA GLY A 514 9.32 9.87 21.10
C GLY A 514 8.50 11.13 21.26
N ALA A 515 8.53 12.01 20.26
CA ALA A 515 7.66 13.16 20.28
C ALA A 515 6.23 12.82 20.05
N ASN A 516 5.33 13.52 20.73
CA ASN A 516 3.97 13.24 20.65
C ASN A 516 3.36 14.36 19.86
N PHE A 517 4.12 15.44 19.68
CA PHE A 517 3.59 16.63 19.01
C PHE A 517 4.73 17.27 18.22
N TYR A 518 4.43 17.67 17.01
CA TYR A 518 5.43 18.13 16.06
C TYR A 518 4.97 19.54 15.61
N ILE A 519 5.71 20.50 16.05
CA ILE A 519 5.50 21.91 15.71
C ILE A 519 6.07 22.26 14.34
N VAL A 520 5.20 22.85 13.54
CA VAL A 520 5.54 23.22 12.16
C VAL A 520 4.96 24.61 11.82
N GLY A 521 5.77 25.48 11.26
CA GLY A 521 5.24 26.78 10.86
C GLY A 521 5.20 26.94 9.35
N ARG A 522 5.59 28.14 8.88
CA ARG A 522 5.63 28.46 7.45
C ARG A 522 6.86 28.04 6.77
N ASP A 523 6.67 27.54 5.53
CA ASP A 523 7.83 27.15 4.68
C ASP A 523 8.91 26.31 5.37
N PRO A 524 8.54 25.23 6.05
CA PRO A 524 9.54 24.45 6.74
C PRO A 524 10.48 23.81 5.78
N ALA A 525 11.77 23.84 6.05
CA ALA A 525 12.71 23.14 5.23
C ALA A 525 12.83 23.80 3.86
N GLY A 526 12.35 25.02 3.76
CA GLY A 526 12.47 25.74 2.53
C GLY A 526 13.65 26.67 2.36
N MET A 527 13.84 27.13 1.15
CA MET A 527 14.86 28.17 0.85
C MET A 527 14.47 28.82 -0.50
N PRO A 528 15.06 30.00 -0.79
CA PRO A 528 14.84 30.61 -2.08
C PRO A 528 15.37 29.78 -3.22
N HIS A 529 14.67 29.82 -4.32
CA HIS A 529 15.14 29.23 -5.53
C HIS A 529 16.48 29.95 -5.91
N PRO A 530 17.57 29.22 -6.20
CA PRO A 530 18.90 29.82 -6.51
C PRO A 530 18.88 30.69 -7.83
N GLU A 531 18.04 30.37 -8.81
CA GLU A 531 17.96 31.15 -10.06
C GLU A 531 16.95 32.31 -10.03
N THR A 532 15.78 32.11 -9.42
CA THR A 532 14.73 33.11 -9.51
C THR A 532 14.67 33.95 -8.30
N GLY A 533 15.16 33.44 -7.17
CA GLY A 533 14.99 34.20 -5.96
C GLY A 533 13.64 34.03 -5.35
N LYS A 534 12.71 33.34 -6.00
CA LYS A 534 11.39 33.20 -5.35
C LYS A 534 11.50 32.00 -4.36
N ASP A 535 10.57 31.87 -3.44
CA ASP A 535 10.51 30.70 -2.59
C ASP A 535 10.51 29.45 -3.41
N LEU A 536 11.38 28.53 -3.12
CA LEU A 536 11.29 27.22 -3.86
C LEU A 536 9.93 26.53 -3.72
N TYR A 537 9.31 26.65 -2.53
CA TYR A 537 8.09 25.95 -2.10
C TYR A 537 7.13 26.96 -1.66
N GLU A 538 5.89 26.66 -1.90
CA GLU A 538 4.76 27.40 -1.37
C GLU A 538 4.72 27.17 0.18
N PRO A 539 4.59 28.23 0.93
CA PRO A 539 4.81 28.19 2.36
C PRO A 539 3.83 27.44 3.20
N SER A 540 2.66 27.16 2.72
CA SER A 540 1.69 26.42 3.47
C SER A 540 1.80 24.93 3.17
N HIS A 541 2.58 24.56 2.20
CA HIS A 541 2.63 23.21 1.75
C HIS A 541 3.19 22.27 2.75
N GLY A 542 4.31 22.60 3.41
CA GLY A 542 4.86 21.63 4.36
C GLY A 542 3.88 21.22 5.40
N ALA A 543 3.12 22.17 5.95
CA ALA A 543 2.11 21.84 6.95
C ALA A 543 0.95 21.03 6.41
N LYS A 544 0.38 21.49 5.31
CA LYS A 544 -0.71 20.72 4.68
C LYS A 544 -0.27 19.31 4.36
N VAL A 545 0.91 19.18 3.78
CA VAL A 545 1.39 17.84 3.48
C VAL A 545 1.57 17.00 4.74
N LEU A 546 2.18 17.55 5.76
CA LEU A 546 2.40 16.81 6.94
C LEU A 546 1.15 16.39 7.60
N THR A 547 0.14 17.26 7.64
CA THR A 547 -1.10 16.84 8.28
C THR A 547 -1.78 15.73 7.56
N MET A 548 -1.36 15.41 6.34
CA MET A 548 -2.05 14.30 5.71
C MET A 548 -1.17 13.19 5.25
N ALA A 549 0.10 13.31 5.54
CA ALA A 549 1.05 12.30 5.21
C ALA A 549 0.81 10.98 5.94
N PRO A 550 0.84 9.90 5.20
CA PRO A 550 0.67 8.59 5.81
C PRO A 550 1.83 8.23 6.73
N GLY A 551 1.63 7.23 7.59
CA GLY A 551 2.67 6.68 8.42
C GLY A 551 3.01 7.58 9.66
N LEU A 552 2.33 8.66 9.83
CA LEU A 552 2.58 9.58 10.98
C LEU A 552 1.52 9.43 12.08
N ILE A 553 1.50 8.20 12.58
CA ILE A 553 0.47 7.71 13.48
C ILE A 553 0.67 8.06 14.94
N THR A 554 1.88 8.22 15.52
CA THR A 554 1.84 8.47 16.94
C THR A 554 2.01 9.90 17.26
N LEU A 555 1.81 10.81 16.30
CA LEU A 555 1.98 12.15 16.74
C LEU A 555 0.99 13.05 16.15
N GLU A 556 0.84 14.19 16.78
CA GLU A 556 -0.04 15.17 16.26
C GLU A 556 0.80 16.35 15.73
N ILE A 557 0.36 16.87 14.59
CA ILE A 557 0.94 17.99 13.92
C ILE A 557 0.32 19.25 14.49
N VAL A 558 1.20 20.12 14.95
CA VAL A 558 0.81 21.39 15.52
C VAL A 558 1.37 22.55 14.64
N PRO A 559 0.53 22.97 13.76
CA PRO A 559 0.84 23.96 12.72
C PRO A 559 0.51 25.40 13.07
N PHE A 560 1.38 26.27 12.57
CA PHE A 560 1.27 27.71 12.84
C PHE A 560 1.45 28.56 11.62
N ARG A 561 0.69 29.66 11.63
CA ARG A 561 0.85 30.78 10.69
C ARG A 561 2.18 31.50 10.90
N VAL A 562 2.53 32.36 9.95
CA VAL A 562 3.85 33.06 10.04
C VAL A 562 3.80 34.05 11.18
N ALA A 563 4.84 34.10 12.00
CA ALA A 563 4.99 35.06 13.07
C ALA A 563 6.04 36.10 12.65
N ALA A 564 5.90 37.32 13.13
CA ALA A 564 6.85 38.41 12.77
C ALA A 564 6.77 39.52 13.81
N TYR A 565 7.87 40.29 13.89
CA TYR A 565 7.91 41.36 14.90
C TYR A 565 6.79 42.29 14.64
N ASN A 566 5.94 42.44 15.63
CA ASN A 566 4.85 43.39 15.54
C ASN A 566 5.24 44.75 16.27
N LYS A 567 5.36 45.83 15.46
CA LYS A 567 5.93 47.13 15.89
C LYS A 567 5.02 47.89 16.85
N LYS A 568 3.70 47.87 16.59
CA LYS A 568 2.72 48.33 17.58
C LYS A 568 2.79 47.64 18.96
N LYS A 569 2.65 46.31 19.02
CA LYS A 569 2.68 45.65 20.34
C LYS A 569 4.10 45.34 20.89
N LYS A 570 5.18 45.78 20.23
CA LYS A 570 6.55 45.60 20.80
C LYS A 570 6.94 44.10 21.15
N ARG A 571 6.31 43.13 20.46
CA ARG A 571 6.60 41.69 20.61
C ARG A 571 6.42 40.91 19.28
N MET A 572 7.01 39.73 19.20
CA MET A 572 6.71 38.81 18.07
C MET A 572 5.26 38.39 18.19
N ASP A 573 4.57 38.34 17.08
CA ASP A 573 3.17 37.94 17.02
C ASP A 573 2.81 37.31 15.67
N TYR A 574 1.57 36.80 15.54
CA TYR A 574 1.15 36.21 14.28
C TYR A 574 0.80 37.28 13.30
N TYR A 575 1.44 37.27 12.15
CA TYR A 575 1.08 38.17 11.01
C TYR A 575 -0.37 38.15 10.58
N ASP A 576 -0.90 39.30 10.21
CA ASP A 576 -2.32 39.46 9.83
C ASP A 576 -2.31 40.39 8.62
N SER A 577 -3.11 40.10 7.59
CA SER A 577 -3.03 40.82 6.30
C SER A 577 -3.58 42.27 6.32
N GLU A 578 -4.83 42.41 6.73
CA GLU A 578 -5.34 43.71 7.07
C GLU A 578 -4.62 44.06 8.37
N HIS A 579 -3.51 44.80 8.26
CA HIS A 579 -2.55 45.16 9.36
C HIS A 579 -1.09 45.03 8.89
N HIS A 580 -0.85 44.85 7.58
CA HIS A 580 0.51 44.76 7.00
C HIS A 580 1.54 45.75 7.57
N GLU A 581 1.16 47.03 7.78
CA GLU A 581 2.13 48.06 8.23
C GLU A 581 2.69 47.78 9.62
N ASP A 582 1.94 47.04 10.45
CA ASP A 582 2.36 46.83 11.86
C ASP A 582 3.58 45.83 12.09
N PHE A 583 4.02 45.07 11.05
CA PHE A 583 4.99 43.95 11.21
C PHE A 583 6.39 44.12 10.53
N GLU A 584 7.50 44.06 11.26
CA GLU A 584 8.89 44.02 10.65
C GLU A 584 9.35 42.56 10.40
N PHE A 585 9.75 42.26 9.17
CA PHE A 585 10.30 40.96 8.86
C PHE A 585 11.80 41.10 8.89
N ILE A 586 12.44 40.27 9.70
CA ILE A 586 13.86 40.44 9.98
C ILE A 586 14.69 39.24 9.58
N SER A 587 15.36 39.40 8.48
CA SER A 587 15.95 38.29 7.79
C SER A 587 17.32 38.05 8.34
N GLY A 588 17.92 36.90 8.00
CA GLY A 588 19.29 36.63 8.37
C GLY A 588 20.15 37.74 7.79
N THR A 589 19.59 38.44 6.82
CA THR A 589 20.41 39.41 6.11
C THR A 589 20.36 40.77 6.82
N ARG A 590 19.18 41.16 7.32
CA ARG A 590 19.04 42.37 8.14
C ARG A 590 19.83 42.22 9.41
N MET A 591 19.73 41.05 10.05
CA MET A 591 20.47 40.83 11.29
C MET A 591 21.94 40.98 11.08
N ARG A 592 22.49 40.47 9.98
CA ARG A 592 23.92 40.59 9.77
C ARG A 592 24.36 42.06 9.59
N LYS A 593 23.42 42.85 9.04
CA LYS A 593 23.56 44.28 8.80
C LYS A 593 23.55 45.07 10.11
N LEU A 594 22.53 44.82 10.93
CA LEU A 594 22.47 45.44 12.23
C LEU A 594 23.74 45.11 13.03
N ALA A 595 24.22 43.89 12.94
CA ALA A 595 25.37 43.53 13.70
C ALA A 595 26.61 44.30 13.19
N ARG A 596 26.67 44.67 11.91
CA ARG A 596 27.85 45.41 11.44
C ARG A 596 27.72 46.88 11.89
N GLU A 597 26.69 47.56 11.41
CA GLU A 597 26.30 48.87 11.91
C GLU A 597 26.37 49.05 13.48
N GLY A 598 26.40 47.97 14.26
CA GLY A 598 26.56 48.05 15.71
C GLY A 598 25.24 48.17 16.47
N GLN A 599 24.15 48.06 15.72
CA GLN A 599 22.80 48.10 16.28
C GLN A 599 22.21 46.71 16.75
N LYS A 600 20.92 46.81 17.10
CA LYS A 600 20.15 45.76 17.71
C LYS A 600 18.82 45.69 16.93
N PRO A 601 18.24 44.47 16.81
CA PRO A 601 16.87 44.31 16.31
C PRO A 601 15.95 44.89 17.35
N PRO A 602 14.71 45.20 17.02
CA PRO A 602 13.76 45.67 18.03
C PRO A 602 13.78 44.80 19.24
N GLU A 603 13.43 45.44 20.36
CA GLU A 603 13.40 44.78 21.65
C GLU A 603 12.30 43.67 21.54
N GLY A 604 12.59 42.43 21.95
CA GLY A 604 11.57 41.38 21.94
C GLY A 604 11.58 40.49 20.68
N PHE A 605 12.53 40.81 19.80
CA PHE A 605 12.75 40.01 18.63
C PHE A 605 13.60 38.90 19.07
N MET A 606 14.71 39.14 19.73
CA MET A 606 15.35 38.10 20.43
C MET A 606 16.05 38.46 21.73
N ALA A 607 16.19 37.40 22.53
CA ALA A 607 16.84 37.47 23.78
C ALA A 607 18.20 38.13 23.63
N PRO A 608 18.32 39.25 24.38
CA PRO A 608 19.50 40.09 24.33
C PRO A 608 20.80 39.29 24.38
N LYS A 609 21.01 38.42 25.37
CA LYS A 609 22.23 37.53 25.32
C LYS A 609 22.32 36.62 24.07
N ALA A 610 21.16 36.25 23.49
CA ALA A 610 21.21 35.43 22.23
C ALA A 610 21.72 36.33 21.06
N TRP A 611 21.08 37.49 20.91
CA TRP A 611 21.69 38.52 20.06
C TRP A 611 23.21 38.68 20.28
N THR A 612 23.68 38.75 21.51
CA THR A 612 25.09 39.01 21.69
C THR A 612 25.90 37.88 21.10
N VAL A 613 25.46 36.64 21.35
CA VAL A 613 26.13 35.53 20.72
C VAL A 613 26.24 35.80 19.21
N LEU A 614 25.15 36.30 18.62
CA LEU A 614 25.14 36.45 17.14
C LEU A 614 26.12 37.56 16.70
N THR A 615 26.10 38.64 17.49
CA THR A 615 27.08 39.70 17.18
C THR A 615 28.43 39.03 17.23
N GLU A 616 28.70 38.18 18.23
CA GLU A 616 30.06 37.59 18.27
C GLU A 616 30.25 36.76 17.01
N TYR A 617 29.19 36.05 16.60
CA TYR A 617 29.25 35.26 15.36
C TYR A 617 29.57 36.11 14.16
N TYR A 618 28.71 37.10 13.92
CA TYR A 618 28.81 37.97 12.76
C TYR A 618 30.23 38.69 12.68
N LYS A 619 30.76 39.09 13.83
CA LYS A 619 32.12 39.63 13.95
C LYS A 619 33.13 38.66 13.34
N SER A 620 33.15 37.37 13.70
CA SER A 620 34.13 36.45 13.04
C SER A 620 33.84 36.26 11.52
N LEU A 621 32.57 36.38 11.13
CA LEU A 621 32.15 36.16 9.75
C LEU A 621 32.78 37.21 8.81
N GLU A 622 32.76 38.48 9.26
CA GLU A 622 33.53 39.54 8.60
C GLU A 622 35.00 39.40 9.09
N LYS A 623 35.75 38.59 8.34
CA LYS A 623 37.17 38.31 8.56
C LYS A 623 37.58 37.24 7.52
N HIS B 34 -17.44 -13.79 21.28
CA HIS B 34 -16.91 -14.06 19.92
C HIS B 34 -17.08 -12.91 19.01
N VAL B 35 -16.12 -12.76 18.14
CA VAL B 35 -16.19 -11.77 17.11
C VAL B 35 -17.44 -12.11 16.27
N SER B 36 -18.15 -11.04 15.83
CA SER B 36 -19.39 -11.21 15.08
C SER B 36 -19.11 -11.68 13.65
N ARG B 37 -20.14 -12.21 13.01
CA ARG B 37 -20.12 -12.44 11.59
C ARG B 37 -19.65 -11.22 10.75
N ASN B 38 -20.31 -10.09 10.91
CA ASN B 38 -19.95 -8.84 10.21
C ASN B 38 -18.42 -8.56 10.34
N LYS B 39 -17.85 -8.71 11.52
CA LYS B 39 -16.43 -8.43 11.66
C LYS B 39 -15.60 -9.55 11.05
N ARG B 40 -15.99 -10.82 11.22
CA ARG B 40 -15.26 -11.98 10.59
C ARG B 40 -15.39 -11.78 9.07
N GLY B 41 -16.52 -11.21 8.66
CA GLY B 41 -16.80 -10.97 7.28
C GLY B 41 -15.87 -9.97 6.65
N GLN B 42 -15.44 -9.00 7.44
CA GLN B 42 -14.46 -8.06 6.94
C GLN B 42 -13.03 -8.60 6.79
N VAL B 43 -12.66 -9.71 7.41
CA VAL B 43 -11.27 -10.16 7.28
C VAL B 43 -11.09 -11.46 6.54
N VAL B 44 -12.17 -12.10 6.15
CA VAL B 44 -12.07 -13.55 5.76
C VAL B 44 -11.35 -13.74 4.40
N GLY B 45 -11.85 -12.93 3.49
CA GLY B 45 -11.26 -12.85 2.20
C GLY B 45 -10.83 -11.43 1.92
N THR B 46 -10.86 -11.14 0.65
CA THR B 46 -10.20 -9.95 0.20
C THR B 46 -11.25 -9.02 -0.35
N ARG B 47 -12.49 -9.48 -0.41
CA ARG B 47 -13.59 -8.65 -0.86
C ARG B 47 -14.47 -8.00 0.20
N GLY B 48 -14.51 -8.42 1.45
CA GLY B 48 -15.42 -7.68 2.35
C GLY B 48 -16.95 -7.92 2.16
N GLY B 49 -17.67 -7.97 3.29
CA GLY B 49 -19.04 -8.50 3.37
C GLY B 49 -18.91 -9.97 3.85
N PHE B 50 -19.81 -10.37 4.76
CA PHE B 50 -19.92 -11.71 5.28
C PHE B 50 -20.64 -12.55 4.27
N ARG B 51 -20.08 -13.68 3.89
CA ARG B 51 -20.77 -14.45 2.88
C ARG B 51 -20.71 -15.96 3.19
N GLY B 52 -20.74 -16.31 4.47
CA GLY B 52 -20.79 -17.71 4.89
C GLY B 52 -22.07 -18.32 4.41
N CYS B 53 -21.99 -19.50 3.84
CA CYS B 53 -23.12 -20.27 3.44
C CYS B 53 -22.60 -21.70 3.11
N THR B 54 -23.55 -22.56 2.84
CA THR B 54 -23.26 -23.91 2.46
C THR B 54 -23.95 -24.23 1.16
N VAL B 55 -23.16 -24.74 0.18
CA VAL B 55 -23.70 -25.25 -1.07
C VAL B 55 -23.66 -26.76 -0.92
N TRP B 56 -24.83 -27.33 -0.78
CA TRP B 56 -25.05 -28.70 -0.39
C TRP B 56 -25.47 -29.46 -1.65
N LEU B 57 -24.48 -30.11 -2.25
CA LEU B 57 -24.76 -30.89 -3.42
C LEU B 57 -25.42 -32.20 -2.93
N THR B 58 -26.38 -32.64 -3.67
CA THR B 58 -26.96 -33.96 -3.42
C THR B 58 -27.28 -34.57 -4.77
N GLY B 59 -27.26 -35.90 -4.87
CA GLY B 59 -27.64 -36.59 -6.10
C GLY B 59 -26.69 -37.81 -6.25
N LEU B 60 -27.06 -38.76 -7.10
CA LEU B 60 -26.32 -40.00 -7.28
C LEU B 60 -25.01 -39.86 -7.99
N SER B 61 -24.94 -38.99 -9.00
CA SER B 61 -23.76 -38.99 -9.90
C SER B 61 -22.54 -38.49 -9.15
N GLY B 62 -21.51 -39.34 -9.03
CA GLY B 62 -20.25 -39.06 -8.37
C GLY B 62 -19.47 -37.96 -9.14
N ALA B 63 -19.35 -38.16 -10.45
CA ALA B 63 -18.60 -37.27 -11.31
C ALA B 63 -19.28 -35.90 -11.40
N GLY B 64 -20.56 -35.91 -11.50
CA GLY B 64 -21.35 -34.71 -11.59
C GLY B 64 -21.13 -33.86 -10.35
N LYS B 65 -21.17 -34.46 -9.15
CA LYS B 65 -21.00 -33.72 -7.93
C LYS B 65 -19.52 -33.25 -7.81
N THR B 66 -18.66 -34.15 -8.22
CA THR B 66 -17.28 -33.95 -7.99
C THR B 66 -16.83 -32.87 -8.98
N THR B 67 -17.29 -32.94 -10.19
CA THR B 67 -16.82 -31.97 -11.15
C THR B 67 -17.35 -30.56 -10.83
N VAL B 68 -18.64 -30.47 -10.46
CA VAL B 68 -19.26 -29.26 -10.03
C VAL B 68 -18.55 -28.73 -8.79
N SER B 69 -18.33 -29.51 -7.75
CA SER B 69 -17.76 -28.93 -6.53
C SER B 69 -16.34 -28.42 -6.80
N MET B 70 -15.54 -29.16 -7.56
CA MET B 70 -14.15 -28.89 -7.87
C MET B 70 -14.07 -27.58 -8.70
N ALA B 71 -14.92 -27.45 -9.71
CA ALA B 71 -14.91 -26.26 -10.51
C ALA B 71 -15.46 -25.03 -9.77
N LEU B 72 -16.42 -25.23 -8.86
CA LEU B 72 -17.07 -24.09 -8.15
C LEU B 72 -15.97 -23.61 -7.20
N GLU B 73 -15.27 -24.55 -6.59
CA GLU B 73 -14.23 -24.25 -5.69
C GLU B 73 -13.14 -23.38 -6.44
N GLU B 74 -12.79 -23.79 -7.64
CA GLU B 74 -11.75 -23.11 -8.39
C GLU B 74 -12.22 -21.72 -8.77
N TYR B 75 -13.49 -21.62 -9.16
CA TYR B 75 -14.09 -20.35 -9.50
C TYR B 75 -14.06 -19.43 -8.32
N LEU B 76 -14.50 -19.90 -7.15
CA LEU B 76 -14.54 -19.09 -5.95
C LEU B 76 -13.19 -18.60 -5.59
N VAL B 77 -12.20 -19.45 -5.61
CA VAL B 77 -10.86 -19.04 -5.28
C VAL B 77 -10.29 -18.07 -6.36
N CYS B 78 -10.63 -18.30 -7.61
CA CYS B 78 -10.16 -17.45 -8.69
C CYS B 78 -10.75 -16.06 -8.51
N HIS B 79 -11.80 -15.97 -7.73
CA HIS B 79 -12.46 -14.72 -7.60
C HIS B 79 -12.43 -14.20 -6.19
N GLY B 80 -11.42 -14.56 -5.43
CA GLY B 80 -11.26 -14.00 -4.12
C GLY B 80 -12.28 -14.44 -3.07
N ILE B 81 -13.00 -15.57 -3.26
CA ILE B 81 -13.91 -16.05 -2.18
C ILE B 81 -13.46 -17.33 -1.47
N PRO B 82 -12.96 -17.22 -0.22
CA PRO B 82 -12.54 -18.37 0.58
C PRO B 82 -13.72 -19.37 0.64
N CYS B 83 -13.39 -20.62 0.41
CA CYS B 83 -14.34 -21.69 0.37
C CYS B 83 -13.64 -22.97 0.89
N TYR B 84 -14.44 -24.01 1.16
CA TYR B 84 -13.83 -25.28 1.63
C TYR B 84 -14.82 -26.31 1.33
N THR B 85 -14.29 -27.45 0.81
CA THR B 85 -15.17 -28.55 0.35
C THR B 85 -15.11 -29.65 1.33
N LEU B 86 -16.28 -30.14 1.73
CA LEU B 86 -16.35 -31.38 2.52
C LEU B 86 -16.75 -32.45 1.55
N ASP B 87 -15.96 -33.53 1.46
CA ASP B 87 -16.33 -34.62 0.59
C ASP B 87 -15.80 -35.89 1.21
N GLY B 88 -15.86 -37.02 0.50
CA GLY B 88 -15.29 -38.26 1.04
C GLY B 88 -13.85 -38.19 1.36
N ASP B 89 -13.12 -37.47 0.58
CA ASP B 89 -11.66 -37.47 0.84
C ASP B 89 -11.18 -36.77 2.05
N ASN B 90 -12.00 -35.90 2.67
CA ASN B 90 -11.52 -35.36 3.91
C ASN B 90 -12.42 -35.67 5.08
N ILE B 91 -13.59 -36.23 4.89
CA ILE B 91 -14.47 -36.65 6.00
C ILE B 91 -14.47 -38.14 6.36
N ARG B 92 -14.57 -38.97 5.32
CA ARG B 92 -14.72 -40.41 5.49
C ARG B 92 -13.64 -41.01 6.39
N GLN B 93 -12.44 -40.55 6.22
CA GLN B 93 -11.34 -41.19 7.01
C GLN B 93 -10.87 -40.37 8.15
N GLY B 94 -11.65 -39.31 8.41
CA GLY B 94 -11.35 -38.41 9.50
C GLY B 94 -12.47 -38.43 10.51
N LEU B 95 -13.23 -37.32 10.46
CA LEU B 95 -14.40 -37.11 11.31
C LEU B 95 -15.36 -38.30 11.30
N ASN B 96 -15.69 -38.86 10.13
CA ASN B 96 -16.67 -39.95 10.06
C ASN B 96 -16.06 -41.36 9.96
N LYS B 97 -14.79 -41.48 10.41
CA LYS B 97 -14.03 -42.74 10.19
C LYS B 97 -14.62 -43.84 11.05
N ASN B 98 -15.43 -43.50 12.08
CA ASN B 98 -15.89 -44.50 13.02
C ASN B 98 -17.35 -44.79 12.70
N LEU B 99 -17.79 -44.39 11.53
CA LEU B 99 -19.16 -44.66 11.07
C LEU B 99 -19.15 -45.57 9.84
N GLY B 100 -20.12 -46.52 9.75
CA GLY B 100 -20.12 -47.51 8.71
C GLY B 100 -21.38 -47.33 7.95
N PHE B 101 -21.93 -48.42 7.43
CA PHE B 101 -23.12 -48.36 6.54
C PHE B 101 -24.51 -48.61 7.13
N SER B 102 -24.63 -48.94 8.42
CA SER B 102 -25.91 -49.02 9.13
C SER B 102 -26.75 -47.79 8.85
N PRO B 103 -28.08 -47.94 8.72
CA PRO B 103 -28.93 -46.79 8.51
C PRO B 103 -28.64 -45.68 9.58
N GLU B 104 -28.33 -46.04 10.82
CA GLU B 104 -28.02 -45.06 11.86
C GLU B 104 -26.65 -44.36 11.62
N ASP B 105 -25.66 -45.10 11.20
CA ASP B 105 -24.40 -44.55 10.90
C ASP B 105 -24.50 -43.62 9.74
N ARG B 106 -25.31 -43.91 8.74
CA ARG B 106 -25.36 -43.05 7.61
C ARG B 106 -26.06 -41.72 7.98
N GLU B 107 -27.14 -41.82 8.75
CA GLU B 107 -27.80 -40.63 9.25
C GLU B 107 -26.83 -39.79 10.06
N GLU B 108 -26.12 -40.46 10.94
CA GLU B 108 -25.15 -39.71 11.74
C GLU B 108 -24.06 -39.08 10.82
N ASN B 109 -23.76 -39.78 9.75
CA ASN B 109 -22.70 -39.33 8.84
C ASN B 109 -23.14 -37.98 8.28
N VAL B 110 -24.38 -37.92 7.86
CA VAL B 110 -24.92 -36.72 7.25
C VAL B 110 -25.13 -35.63 8.26
N ARG B 111 -25.47 -36.01 9.53
CA ARG B 111 -25.57 -35.04 10.63
C ARG B 111 -24.25 -34.37 10.97
N ARG B 112 -23.17 -35.14 11.04
CA ARG B 112 -21.90 -34.60 11.35
C ARG B 112 -21.43 -33.67 10.22
N ILE B 113 -21.62 -34.07 8.99
CA ILE B 113 -21.18 -33.20 7.90
C ILE B 113 -21.98 -31.88 7.96
N ALA B 114 -23.26 -31.97 8.22
CA ALA B 114 -24.06 -30.73 8.25
C ALA B 114 -23.63 -29.82 9.38
N GLU B 115 -23.34 -30.37 10.52
CA GLU B 115 -22.85 -29.51 11.58
C GLU B 115 -21.48 -28.90 11.27
N VAL B 116 -20.63 -29.63 10.57
CA VAL B 116 -19.37 -29.08 10.26
C VAL B 116 -19.55 -27.97 9.21
N ALA B 117 -20.38 -28.22 8.24
CA ALA B 117 -20.61 -27.26 7.21
C ALA B 117 -21.10 -25.94 7.85
N LYS B 118 -22.03 -26.09 8.80
CA LYS B 118 -22.50 -25.00 9.60
C LYS B 118 -21.37 -24.23 10.21
N LEU B 119 -20.42 -24.91 10.80
CA LEU B 119 -19.29 -24.20 11.37
C LEU B 119 -18.47 -23.45 10.29
N PHE B 120 -18.32 -24.02 9.06
CA PHE B 120 -17.52 -23.28 8.07
C PHE B 120 -18.27 -22.04 7.61
N ALA B 121 -19.59 -22.19 7.47
CA ALA B 121 -20.44 -21.14 7.00
C ALA B 121 -20.42 -20.03 8.07
N ASP B 122 -20.53 -20.41 9.33
CA ASP B 122 -20.35 -19.46 10.45
C ASP B 122 -19.02 -18.76 10.41
N ALA B 123 -17.95 -19.44 9.92
CA ALA B 123 -16.60 -18.87 9.96
C ALA B 123 -16.42 -17.87 8.83
N GLY B 124 -17.39 -17.83 7.95
CA GLY B 124 -17.36 -16.92 6.81
C GLY B 124 -17.00 -17.55 5.45
N LEU B 125 -16.91 -18.89 5.39
CA LEU B 125 -16.47 -19.55 4.16
C LEU B 125 -17.68 -19.97 3.42
N VAL B 126 -17.54 -20.07 2.09
CA VAL B 126 -18.52 -20.80 1.31
C VAL B 126 -18.17 -22.29 1.47
N CYS B 127 -19.05 -23.04 2.18
CA CYS B 127 -18.77 -24.44 2.40
C CYS B 127 -19.47 -25.24 1.37
N ILE B 128 -18.75 -26.01 0.61
CA ILE B 128 -19.36 -26.93 -0.37
C ILE B 128 -19.31 -28.35 0.13
N THR B 129 -20.42 -29.04 0.06
CA THR B 129 -20.45 -30.43 0.59
C THR B 129 -20.89 -31.24 -0.58
N SER B 130 -20.18 -32.34 -0.78
CA SER B 130 -20.45 -33.17 -1.93
C SER B 130 -20.67 -34.63 -1.43
N PHE B 131 -21.89 -34.96 -1.10
CA PHE B 131 -22.26 -36.29 -0.65
C PHE B 131 -23.63 -36.60 -1.27
N ILE B 132 -23.84 -37.87 -1.65
CA ILE B 132 -25.09 -38.25 -2.26
C ILE B 132 -26.30 -37.70 -1.50
N SER B 133 -26.17 -37.81 -0.17
CA SER B 133 -27.20 -37.47 0.81
C SER B 133 -28.56 -37.79 0.24
N PRO B 134 -28.91 -39.08 0.20
CA PRO B 134 -30.12 -39.50 -0.46
C PRO B 134 -31.42 -39.16 0.17
N TYR B 135 -31.46 -38.87 1.46
CA TYR B 135 -32.78 -38.83 2.15
C TYR B 135 -33.21 -37.44 2.45
N THR B 136 -34.37 -37.08 1.99
CA THR B 136 -35.03 -35.80 2.37
C THR B 136 -34.93 -35.52 3.87
N GLN B 137 -35.23 -36.51 4.71
CA GLN B 137 -35.14 -36.24 6.15
C GLN B 137 -33.82 -35.56 6.45
N ASP B 138 -32.75 -36.15 5.99
CA ASP B 138 -31.41 -35.73 6.38
C ASP B 138 -30.99 -34.39 5.80
N ARG B 139 -31.27 -34.22 4.51
CA ARG B 139 -31.05 -32.93 3.85
C ARG B 139 -31.88 -31.88 4.50
N ASN B 140 -33.15 -32.19 4.80
CA ASN B 140 -34.00 -31.23 5.46
C ASN B 140 -33.41 -30.87 6.84
N ASN B 141 -32.89 -31.82 7.57
CA ASN B 141 -32.27 -31.55 8.88
C ASN B 141 -31.02 -30.64 8.67
N ALA B 142 -30.26 -30.90 7.60
CA ALA B 142 -29.04 -30.14 7.36
C ALA B 142 -29.39 -28.66 7.14
N ARG B 143 -30.42 -28.46 6.35
CA ARG B 143 -30.98 -27.16 6.06
C ARG B 143 -31.40 -26.44 7.32
N GLN B 144 -32.14 -27.10 8.22
CA GLN B 144 -32.56 -26.50 9.50
C GLN B 144 -31.39 -26.15 10.45
N ILE B 145 -30.32 -26.93 10.47
CA ILE B 145 -29.18 -26.58 11.29
C ILE B 145 -28.64 -25.24 10.80
N HIS B 146 -28.64 -25.03 9.48
CA HIS B 146 -28.19 -23.77 8.83
C HIS B 146 -29.22 -22.63 9.10
N GLU B 147 -30.48 -22.91 8.75
CA GLU B 147 -31.58 -21.87 8.69
C GLU B 147 -31.91 -21.42 10.13
N GLY B 148 -31.86 -22.33 11.10
CA GLY B 148 -31.90 -21.96 12.49
C GLY B 148 -30.70 -21.23 13.04
N ALA B 149 -29.61 -21.16 12.33
CA ALA B 149 -28.52 -20.33 12.82
C ALA B 149 -28.39 -19.12 11.92
N SER B 150 -29.38 -18.91 11.06
CA SER B 150 -29.39 -17.79 10.07
C SER B 150 -28.23 -17.83 9.05
N LEU B 151 -27.93 -19.04 8.54
CA LEU B 151 -26.91 -19.23 7.54
C LEU B 151 -27.59 -19.74 6.29
N PRO B 152 -27.25 -19.15 5.15
CA PRO B 152 -27.90 -19.55 3.91
C PRO B 152 -27.50 -21.00 3.58
N PHE B 153 -28.44 -21.76 3.06
CA PHE B 153 -28.26 -23.13 2.70
C PHE B 153 -28.82 -23.31 1.30
N PHE B 154 -27.95 -23.72 0.38
CA PHE B 154 -28.43 -23.89 -0.98
C PHE B 154 -28.38 -25.39 -1.42
N GLU B 155 -29.53 -26.02 -1.50
CA GLU B 155 -29.63 -27.42 -1.92
C GLU B 155 -29.56 -27.49 -3.41
N VAL B 156 -28.49 -28.07 -3.93
CA VAL B 156 -28.25 -28.24 -5.35
C VAL B 156 -28.33 -29.66 -5.75
N PHE B 157 -29.36 -29.98 -6.47
CA PHE B 157 -29.60 -31.34 -6.94
C PHE B 157 -28.86 -31.56 -8.26
N VAL B 158 -27.86 -32.38 -8.17
CA VAL B 158 -27.11 -32.77 -9.31
C VAL B 158 -27.95 -33.95 -9.86
N ASP B 159 -28.76 -33.66 -10.91
CA ASP B 159 -29.76 -34.61 -11.44
C ASP B 159 -29.22 -35.20 -12.71
N ALA B 160 -28.63 -36.37 -12.60
CA ALA B 160 -28.18 -37.05 -13.78
C ALA B 160 -28.79 -38.49 -13.77
N PRO B 161 -30.00 -38.67 -14.36
CA PRO B 161 -30.63 -40.00 -14.35
C PRO B 161 -29.78 -41.00 -15.19
N LEU B 162 -29.99 -42.30 -14.93
CA LEU B 162 -28.90 -43.25 -14.65
C LEU B 162 -28.19 -44.01 -15.78
N GLU B 191 -33.19 -46.02 -3.73
CA GLU B 191 -34.17 -45.22 -3.01
C GLU B 191 -33.63 -43.75 -2.75
N TYR B 192 -32.82 -43.23 -3.66
CA TYR B 192 -32.65 -41.79 -3.74
C TYR B 192 -34.01 -40.99 -3.71
N GLU B 193 -34.08 -39.99 -2.83
CA GLU B 193 -35.24 -39.09 -2.71
C GLU B 193 -34.91 -37.72 -3.24
N LYS B 194 -35.40 -37.46 -4.44
CA LYS B 194 -35.18 -36.21 -5.15
C LYS B 194 -35.71 -35.14 -4.28
N PRO B 195 -34.97 -34.04 -4.16
CA PRO B 195 -35.43 -32.87 -3.40
C PRO B 195 -36.70 -32.26 -3.97
N GLU B 196 -37.57 -31.77 -3.10
CA GLU B 196 -38.89 -31.35 -3.57
C GLU B 196 -38.76 -29.90 -4.06
N ALA B 197 -38.04 -29.05 -3.31
CA ALA B 197 -37.78 -27.65 -3.68
C ALA B 197 -36.30 -27.29 -3.55
N PRO B 198 -35.44 -27.87 -4.38
CA PRO B 198 -34.06 -27.48 -4.32
C PRO B 198 -33.90 -26.02 -4.80
N GLU B 199 -32.90 -25.31 -4.32
CA GLU B 199 -32.59 -23.99 -4.88
C GLU B 199 -32.14 -24.09 -6.36
N LEU B 200 -31.54 -25.22 -6.75
CA LEU B 200 -31.03 -25.36 -8.11
C LEU B 200 -31.06 -26.80 -8.51
N VAL B 201 -31.19 -27.01 -9.83
CA VAL B 201 -31.08 -28.32 -10.45
C VAL B 201 -29.97 -28.23 -11.49
N LEU B 202 -28.92 -29.01 -11.31
CA LEU B 202 -27.87 -29.16 -12.29
C LEU B 202 -28.01 -30.49 -13.08
N LYS B 203 -28.33 -30.38 -14.38
CA LYS B 203 -28.40 -31.50 -15.31
C LYS B 203 -27.01 -31.75 -15.84
N THR B 204 -26.19 -32.42 -15.05
CA THR B 204 -24.76 -32.51 -15.38
C THR B 204 -24.42 -33.37 -16.60
N ASP B 205 -25.28 -34.34 -16.93
CA ASP B 205 -25.10 -35.23 -18.10
C ASP B 205 -25.35 -34.46 -19.42
N SER B 206 -26.10 -33.37 -19.33
CA SER B 206 -26.57 -32.68 -20.50
C SER B 206 -26.03 -31.22 -20.70
N CYS B 207 -25.51 -30.59 -19.63
CA CYS B 207 -24.76 -29.32 -19.69
C CYS B 207 -23.34 -29.53 -19.23
N ASP B 208 -22.41 -28.77 -19.78
CA ASP B 208 -21.04 -28.94 -19.39
C ASP B 208 -20.84 -28.28 -18.04
N VAL B 209 -19.68 -28.58 -17.47
CA VAL B 209 -19.37 -28.24 -16.13
C VAL B 209 -19.44 -26.75 -15.94
N ASN B 210 -18.81 -25.97 -16.82
CA ASN B 210 -18.78 -24.51 -16.65
C ASN B 210 -20.20 -23.84 -16.63
N ASP B 211 -21.21 -24.37 -17.35
CA ASP B 211 -22.59 -23.82 -17.39
C ASP B 211 -23.22 -24.13 -16.08
N CYS B 212 -22.92 -25.32 -15.55
CA CYS B 212 -23.40 -25.72 -14.23
C CYS B 212 -22.89 -24.83 -13.17
N VAL B 213 -21.58 -24.64 -13.20
CA VAL B 213 -20.93 -23.78 -12.24
C VAL B 213 -21.51 -22.38 -12.35
N GLN B 214 -21.62 -21.88 -13.60
CA GLN B 214 -22.31 -20.61 -13.90
C GLN B 214 -23.68 -20.58 -13.27
N GLN B 215 -24.46 -21.65 -13.39
CA GLN B 215 -25.77 -21.72 -12.66
C GLN B 215 -25.66 -21.55 -11.17
N VAL B 216 -24.64 -22.12 -10.56
CA VAL B 216 -24.50 -21.97 -9.14
C VAL B 216 -24.09 -20.56 -8.82
N VAL B 217 -23.08 -20.04 -9.55
CA VAL B 217 -22.56 -18.72 -9.39
C VAL B 217 -23.68 -17.70 -9.50
N GLU B 218 -24.56 -17.83 -10.52
CA GLU B 218 -25.73 -16.93 -10.68
C GLU B 218 -26.61 -16.97 -9.44
N LEU B 219 -26.89 -18.16 -8.92
CA LEU B 219 -27.69 -18.34 -7.71
C LEU B 219 -26.99 -17.62 -6.56
N LEU B 220 -25.68 -17.78 -6.41
CA LEU B 220 -24.95 -17.10 -5.31
C LEU B 220 -25.01 -15.57 -5.46
N GLN B 221 -25.08 -15.11 -6.71
CA GLN B 221 -25.09 -13.65 -6.98
C GLN B 221 -26.42 -13.11 -6.53
N GLU B 222 -27.46 -13.78 -6.97
CA GLU B 222 -28.84 -13.47 -6.59
C GLU B 222 -29.01 -13.36 -5.10
N ARG B 223 -28.32 -14.22 -4.34
CA ARG B 223 -28.52 -14.33 -2.90
C ARG B 223 -27.43 -13.66 -2.13
N ASP B 224 -26.66 -12.79 -2.82
CA ASP B 224 -25.61 -11.90 -2.22
C ASP B 224 -24.45 -12.60 -1.51
N ILE B 225 -23.97 -13.70 -2.09
CA ILE B 225 -22.81 -14.34 -1.56
C ILE B 225 -21.65 -13.92 -2.46
N VAL B 226 -21.84 -14.09 -3.74
CA VAL B 226 -20.83 -13.67 -4.68
C VAL B 226 -21.33 -12.27 -5.22
N PRO B 227 -20.42 -11.30 -5.26
CA PRO B 227 -20.69 -9.96 -5.82
C PRO B 227 -21.04 -10.06 -7.30
N VAL B 228 -22.15 -9.45 -7.68
CA VAL B 228 -22.48 -9.28 -9.09
C VAL B 228 -21.28 -8.67 -9.84
N ASP B 229 -20.50 -7.88 -9.11
CA ASP B 229 -19.48 -7.09 -9.73
C ASP B 229 -18.69 -6.43 -8.58
N ALA B 230 -17.44 -6.83 -8.30
CA ALA B 230 -16.67 -6.11 -7.25
C ALA B 230 -15.36 -5.48 -7.75
N SER B 231 -15.45 -4.93 -8.98
CA SER B 231 -14.61 -3.75 -9.27
C SER B 231 -15.11 -2.55 -8.37
N TYR B 232 -14.14 -1.71 -8.07
CA TYR B 232 -14.36 -0.31 -7.73
C TYR B 232 -15.59 0.30 -8.49
N GLU B 233 -16.59 0.80 -7.71
CA GLU B 233 -17.80 1.43 -8.25
C GLU B 233 -17.44 2.74 -8.97
N VAL B 234 -17.87 2.86 -10.20
CA VAL B 234 -17.53 4.00 -11.05
C VAL B 234 -18.34 5.20 -10.65
N LYS B 235 -17.70 6.32 -10.40
CA LYS B 235 -18.46 7.55 -10.21
C LYS B 235 -18.44 8.46 -11.45
N GLU B 236 -19.45 8.40 -12.32
CA GLU B 236 -19.54 9.28 -13.45
C GLU B 236 -19.82 10.63 -13.00
N LEU B 237 -19.41 11.61 -13.75
CA LEU B 237 -19.70 12.97 -13.37
C LEU B 237 -20.62 13.61 -14.41
N TYR B 238 -21.12 12.81 -15.32
CA TYR B 238 -22.24 13.27 -16.16
C TYR B 238 -23.52 13.59 -15.34
N VAL B 239 -24.17 14.67 -15.66
CA VAL B 239 -25.54 14.85 -15.09
C VAL B 239 -26.44 13.82 -15.71
N PRO B 240 -27.30 13.19 -14.89
CA PRO B 240 -28.10 12.04 -15.35
C PRO B 240 -28.97 12.49 -16.51
N GLU B 241 -29.34 11.57 -17.40
CA GLU B 241 -30.07 11.98 -18.66
C GLU B 241 -31.45 12.69 -18.36
N ASN B 242 -32.08 12.42 -17.20
CA ASN B 242 -33.33 13.13 -16.86
C ASN B 242 -33.16 14.57 -16.35
N LYS B 243 -31.91 15.00 -16.08
CA LYS B 243 -31.70 16.38 -15.63
C LYS B 243 -30.90 17.28 -16.61
N LEU B 244 -30.62 16.77 -17.81
CA LEU B 244 -29.68 17.43 -18.73
C LEU B 244 -30.15 18.79 -19.27
N HIS B 245 -31.45 18.81 -19.70
CA HIS B 245 -31.98 19.97 -20.33
C HIS B 245 -31.98 21.11 -19.33
N LEU B 246 -32.49 20.83 -18.15
CA LEU B 246 -32.44 21.86 -17.08
C LEU B 246 -31.00 22.29 -16.78
N ALA B 247 -30.10 21.31 -16.78
CA ALA B 247 -28.68 21.62 -16.42
C ALA B 247 -28.08 22.47 -17.58
N LYS B 248 -28.42 22.19 -18.82
CA LYS B 248 -27.90 23.11 -19.93
C LYS B 248 -28.49 24.48 -19.90
N THR B 249 -29.75 24.55 -19.46
CA THR B 249 -30.38 25.89 -19.30
C THR B 249 -29.70 26.63 -18.18
N ASP B 250 -29.51 25.94 -17.08
CA ASP B 250 -28.86 26.61 -15.96
C ASP B 250 -27.45 27.05 -16.37
N ALA B 251 -26.74 26.28 -17.20
CA ALA B 251 -25.34 26.60 -17.58
C ALA B 251 -25.29 27.86 -18.36
N GLU B 252 -26.37 28.09 -19.10
CA GLU B 252 -26.49 29.27 -19.94
C GLU B 252 -26.39 30.62 -19.15
N THR B 253 -27.08 30.69 -18.02
CA THR B 253 -26.96 31.80 -17.02
C THR B 253 -25.54 32.07 -16.41
N LEU B 254 -24.53 31.18 -16.60
CA LEU B 254 -23.29 31.23 -15.76
C LEU B 254 -22.21 31.92 -16.51
N PRO B 255 -21.22 32.46 -15.82
CA PRO B 255 -20.04 32.85 -16.58
C PRO B 255 -19.40 31.62 -17.28
N ALA B 256 -18.42 31.88 -18.14
CA ALA B 256 -17.81 30.86 -18.92
C ALA B 256 -16.32 31.02 -18.98
N LEU B 257 -15.73 29.84 -19.10
CA LEU B 257 -14.27 29.69 -19.27
C LEU B 257 -14.10 28.71 -20.43
N LYS B 258 -13.44 29.19 -21.46
CA LYS B 258 -13.17 28.46 -22.66
C LYS B 258 -12.04 27.53 -22.31
N ILE B 259 -12.09 26.35 -22.84
CA ILE B 259 -11.08 25.37 -22.59
C ILE B 259 -10.67 24.79 -23.95
N ASN B 260 -9.56 24.15 -23.98
CA ASN B 260 -9.08 23.64 -25.26
C ASN B 260 -9.33 22.23 -25.31
N LYS B 261 -8.78 21.65 -26.29
CA LYS B 261 -9.09 20.29 -26.61
C LYS B 261 -8.52 19.23 -25.68
N VAL B 262 -7.28 19.44 -25.22
CA VAL B 262 -6.71 18.58 -24.21
C VAL B 262 -7.59 18.76 -22.96
N ASP B 263 -7.95 19.94 -22.59
CA ASP B 263 -8.81 20.06 -21.41
C ASP B 263 -10.05 19.21 -21.62
N MET B 264 -10.60 19.25 -22.85
CA MET B 264 -11.94 18.66 -23.09
C MET B 264 -11.70 17.17 -23.04
N GLN B 265 -10.50 16.68 -23.36
CA GLN B 265 -10.25 15.26 -23.13
C GLN B 265 -10.20 14.86 -21.67
N TRP B 266 -9.65 15.72 -20.81
CA TRP B 266 -9.59 15.46 -19.40
C TRP B 266 -11.07 15.59 -18.90
N VAL B 267 -11.85 16.50 -19.48
CA VAL B 267 -13.31 16.59 -19.08
C VAL B 267 -13.95 15.25 -19.34
N GLN B 268 -13.56 14.59 -20.40
CA GLN B 268 -14.06 13.30 -20.65
C GLN B 268 -13.64 12.18 -19.77
N VAL B 269 -12.34 12.19 -19.42
CA VAL B 269 -11.79 11.29 -18.43
C VAL B 269 -12.60 11.38 -17.16
N LEU B 270 -12.85 12.59 -16.72
CA LEU B 270 -13.57 12.81 -15.53
C LEU B 270 -15.03 12.34 -15.65
N ALA B 271 -15.69 12.82 -16.68
CA ALA B 271 -17.16 12.50 -16.92
C ALA B 271 -17.43 11.09 -16.87
N GLU B 272 -16.55 10.36 -17.50
CA GLU B 272 -16.83 8.94 -17.62
C GLU B 272 -16.44 8.13 -16.41
N GLY B 273 -15.84 8.76 -15.39
CA GLY B 273 -15.46 8.02 -14.19
C GLY B 273 -14.10 7.42 -14.09
N TRP B 274 -13.19 7.78 -15.04
CA TRP B 274 -11.90 7.08 -14.94
C TRP B 274 -11.05 7.46 -13.73
N ALA B 275 -11.30 8.65 -13.23
CA ALA B 275 -10.63 9.19 -12.05
C ALA B 275 -11.46 9.10 -10.80
N THR B 276 -12.37 8.11 -10.73
CA THR B 276 -13.14 7.81 -9.52
C THR B 276 -12.14 7.68 -8.35
N PRO B 277 -12.36 8.31 -7.20
CA PRO B 277 -13.61 8.96 -6.82
C PRO B 277 -13.58 10.47 -6.87
N LEU B 278 -12.80 11.09 -7.75
CA LEU B 278 -12.84 12.48 -7.85
C LEU B 278 -14.25 12.94 -8.22
N ASN B 279 -14.58 14.06 -7.69
CA ASN B 279 -15.87 14.70 -7.95
C ASN B 279 -15.71 15.83 -8.97
N GLY B 280 -14.49 16.02 -9.48
CA GLY B 280 -14.19 16.97 -10.54
C GLY B 280 -12.70 17.23 -10.62
N PHE B 281 -12.29 18.32 -11.24
CA PHE B 281 -10.88 18.71 -11.25
C PHE B 281 -10.40 18.89 -9.82
N MET B 282 -9.20 18.39 -9.57
CA MET B 282 -8.63 18.30 -8.22
C MET B 282 -8.54 19.65 -7.49
N ARG B 283 -8.98 19.65 -6.25
CA ARG B 283 -8.74 20.71 -5.34
C ARG B 283 -7.35 20.54 -4.77
N GLU B 284 -6.87 21.50 -4.04
CA GLU B 284 -5.48 21.54 -3.64
C GLU B 284 -5.04 20.33 -2.86
N ARG B 285 -5.90 19.90 -1.97
CA ARG B 285 -5.61 18.81 -1.14
C ARG B 285 -5.33 17.54 -1.97
N GLU B 286 -6.18 17.28 -2.97
CA GLU B 286 -6.07 16.17 -3.82
C GLU B 286 -4.79 16.28 -4.68
N TYR B 287 -4.52 17.45 -5.21
CA TYR B 287 -3.33 17.70 -5.99
C TYR B 287 -2.05 17.42 -5.19
N LEU B 288 -2.01 17.82 -3.91
CA LEU B 288 -0.85 17.58 -3.08
C LEU B 288 -0.69 16.13 -2.77
N GLN B 289 -1.82 15.44 -2.56
CA GLN B 289 -1.77 14.01 -2.22
C GLN B 289 -1.23 13.31 -3.42
N CYS B 290 -1.74 13.74 -4.58
CA CYS B 290 -1.33 13.11 -5.80
C CYS B 290 0.18 13.28 -6.14
N LEU B 291 0.64 14.48 -6.07
CA LEU B 291 2.07 14.77 -6.34
C LEU B 291 3.05 14.19 -5.32
N HIS B 292 2.71 14.16 -4.04
CA HIS B 292 3.63 13.64 -2.98
C HIS B 292 3.53 12.16 -2.77
N PHE B 293 2.31 11.63 -2.90
CA PHE B 293 2.03 10.27 -2.39
C PHE B 293 1.56 9.27 -3.46
N ASP B 294 1.25 9.82 -4.62
CA ASP B 294 0.70 9.14 -5.78
C ASP B 294 -0.74 8.52 -5.53
N CYS B 295 -1.43 9.00 -4.49
CA CYS B 295 -2.66 8.38 -4.00
C CYS B 295 -3.47 9.50 -3.48
N LEU B 296 -4.78 9.34 -3.64
CA LEU B 296 -5.74 9.96 -2.77
C LEU B 296 -5.83 9.18 -1.49
N LEU B 297 -6.04 9.89 -0.39
CA LEU B 297 -6.01 9.33 0.90
C LEU B 297 -7.35 9.50 1.66
N ASP B 298 -8.15 10.46 1.30
CA ASP B 298 -9.29 10.77 2.18
C ASP B 298 -10.39 9.70 2.02
N GLY B 299 -10.62 8.95 3.08
CA GLY B 299 -11.63 7.86 3.13
C GLY B 299 -11.09 6.62 2.44
N GLY B 300 -9.77 6.33 2.54
CA GLY B 300 -9.21 5.21 1.80
C GLY B 300 -8.11 5.59 0.80
N VAL B 301 -7.13 4.73 0.70
CA VAL B 301 -6.03 4.97 -0.15
C VAL B 301 -6.45 4.43 -1.53
N ILE B 302 -6.47 5.30 -2.49
CA ILE B 302 -6.49 4.81 -3.84
C ILE B 302 -5.50 5.49 -4.78
N ASN B 303 -4.98 4.73 -5.70
CA ASN B 303 -3.89 5.20 -6.55
C ASN B 303 -4.41 6.28 -7.48
N LEU B 304 -3.73 7.42 -7.48
CA LEU B 304 -3.97 8.46 -8.49
C LEU B 304 -2.71 9.40 -8.49
N SER B 305 -1.91 9.22 -9.50
CA SER B 305 -0.50 9.62 -9.58
C SER B 305 -0.25 10.73 -10.56
N VAL B 306 -1.29 11.15 -11.26
CA VAL B 306 -1.26 12.32 -12.11
C VAL B 306 -2.29 13.39 -11.80
N PRO B 307 -1.86 14.66 -11.80
CA PRO B 307 -2.78 15.72 -11.57
C PRO B 307 -3.88 15.68 -12.64
N ILE B 308 -5.10 15.88 -12.21
CA ILE B 308 -6.30 16.00 -13.08
C ILE B 308 -6.88 17.36 -12.74
N VAL B 309 -6.39 18.33 -13.49
CA VAL B 309 -6.56 19.70 -13.13
C VAL B 309 -6.91 20.56 -14.29
N LEU B 310 -7.45 21.66 -13.93
CA LEU B 310 -7.84 22.72 -14.86
C LEU B 310 -7.04 23.96 -14.52
N THR B 311 -6.38 24.50 -15.55
CA THR B 311 -5.60 25.69 -15.44
C THR B 311 -6.34 26.93 -15.88
N ALA B 312 -5.76 28.05 -15.46
CA ALA B 312 -6.39 29.37 -15.67
C ALA B 312 -5.31 30.42 -15.49
N THR B 313 -5.49 31.50 -16.25
CA THR B 313 -4.66 32.70 -16.13
C THR B 313 -5.07 33.49 -14.95
N HIS B 314 -4.17 34.35 -14.55
CA HIS B 314 -4.51 35.39 -13.60
C HIS B 314 -5.80 36.18 -14.00
N GLU B 315 -5.89 36.55 -15.26
CA GLU B 315 -7.06 37.28 -15.76
C GLU B 315 -8.35 36.40 -15.63
N ASP B 316 -8.30 35.12 -16.02
CA ASP B 316 -9.47 34.28 -15.80
C ASP B 316 -9.76 33.97 -14.32
N LYS B 317 -8.72 33.81 -13.51
CA LYS B 317 -8.96 33.60 -12.09
C LYS B 317 -9.68 34.78 -11.49
N GLU B 318 -9.19 35.96 -11.82
CA GLU B 318 -9.77 37.16 -11.23
C GLU B 318 -11.20 37.44 -11.67
N ARG B 319 -11.48 37.12 -12.92
CA ARG B 319 -12.83 37.27 -13.41
C ARG B 319 -13.74 36.31 -12.66
N LEU B 320 -13.24 35.09 -12.40
CA LEU B 320 -14.07 33.99 -11.89
C LEU B 320 -14.00 33.73 -10.38
N ASP B 321 -12.99 34.24 -9.71
CA ASP B 321 -12.84 33.94 -8.28
C ASP B 321 -13.97 34.70 -7.62
N GLY B 322 -14.71 34.04 -6.74
CA GLY B 322 -15.92 34.64 -6.22
C GLY B 322 -17.18 33.98 -6.75
N CYS B 323 -17.13 33.41 -7.94
CA CYS B 323 -18.31 32.81 -8.57
C CYS B 323 -18.52 31.44 -7.97
N THR B 324 -19.75 31.04 -7.73
CA THR B 324 -19.93 29.72 -7.13
C THR B 324 -20.12 28.65 -8.20
N ALA B 325 -20.17 29.09 -9.45
CA ALA B 325 -20.25 28.11 -10.54
C ALA B 325 -20.02 28.78 -11.83
N PHE B 326 -19.49 28.02 -12.77
CA PHE B 326 -19.19 28.56 -14.08
C PHE B 326 -19.15 27.41 -15.03
N ALA B 327 -19.38 27.75 -16.27
CA ALA B 327 -19.47 26.76 -17.31
C ALA B 327 -18.15 26.69 -18.03
N LEU B 328 -17.81 25.45 -18.37
CA LEU B 328 -16.71 25.21 -19.32
C LEU B 328 -17.21 25.21 -20.75
N MET B 329 -16.51 25.88 -21.63
CA MET B 329 -16.96 26.08 -22.98
C MET B 329 -15.90 25.56 -23.95
N TYR B 330 -16.29 24.59 -24.76
CA TYR B 330 -15.45 24.08 -25.82
C TYR B 330 -16.13 24.21 -27.18
N GLU B 331 -15.41 24.77 -28.15
CA GLU B 331 -15.95 25.17 -29.47
C GLU B 331 -17.38 25.83 -29.36
N GLY B 332 -17.58 26.78 -28.45
CA GLY B 332 -18.83 27.55 -28.39
C GLY B 332 -19.93 26.81 -27.66
N ARG B 333 -19.70 25.54 -27.36
CA ARG B 333 -20.64 24.83 -26.55
C ARG B 333 -20.29 24.78 -25.04
N ARG B 334 -21.34 24.87 -24.23
CA ARG B 334 -21.19 24.70 -22.78
C ARG B 334 -21.16 23.22 -22.45
N VAL B 335 -19.98 22.68 -22.08
CA VAL B 335 -19.86 21.27 -21.93
C VAL B 335 -19.97 20.77 -20.48
N ALA B 336 -19.85 21.65 -19.47
CA ALA B 336 -19.76 21.25 -18.10
C ALA B 336 -19.96 22.39 -17.28
N ILE B 337 -20.46 22.16 -16.06
CA ILE B 337 -20.39 23.17 -15.05
C ILE B 337 -19.35 22.74 -13.95
N LEU B 338 -18.59 23.71 -13.46
CA LEU B 338 -17.73 23.49 -12.37
C LEU B 338 -18.28 24.28 -11.24
N ARG B 339 -18.72 23.58 -10.20
CA ARG B 339 -19.25 24.22 -8.97
C ARG B 339 -18.30 24.32 -7.77
N ASN B 340 -18.49 25.34 -6.92
CA ASN B 340 -17.71 25.57 -5.72
C ASN B 340 -16.27 25.44 -6.02
N PRO B 341 -15.80 26.20 -6.97
CA PRO B 341 -14.42 26.17 -7.35
C PRO B 341 -13.52 26.72 -6.29
N GLU B 342 -12.27 26.20 -6.29
CA GLU B 342 -11.20 26.77 -5.54
C GLU B 342 -9.99 26.95 -6.49
N PHE B 343 -9.33 28.04 -6.30
CA PHE B 343 -8.21 28.41 -7.11
C PHE B 343 -6.94 28.29 -6.24
N PHE B 344 -5.87 27.72 -6.79
CA PHE B 344 -4.58 27.56 -6.03
C PHE B 344 -3.48 27.60 -7.03
N GLU B 345 -2.27 27.75 -6.55
CA GLU B 345 -1.19 28.03 -7.44
C GLU B 345 -0.81 26.84 -8.25
N HIS B 346 -0.62 27.05 -9.52
CA HIS B 346 -0.10 25.94 -10.29
C HIS B 346 1.32 25.30 -9.74
N ARG B 347 2.31 26.14 -9.71
CA ARG B 347 3.68 25.78 -9.35
C ARG B 347 4.22 24.86 -10.34
N LYS B 348 4.53 25.43 -11.47
CA LYS B 348 4.79 24.56 -12.63
C LYS B 348 6.04 23.84 -12.61
N GLU B 349 7.13 24.51 -12.24
CA GLU B 349 8.43 23.80 -12.14
C GLU B 349 8.30 22.69 -11.11
N GLU B 350 7.74 22.92 -9.90
CA GLU B 350 7.69 21.82 -8.98
C GLU B 350 6.78 20.67 -9.51
N ARG B 351 5.66 21.07 -10.09
CA ARG B 351 4.76 20.04 -10.58
C ARG B 351 5.43 19.22 -11.57
N CYS B 352 6.03 19.90 -12.57
CA CYS B 352 6.69 19.12 -13.56
C CYS B 352 7.77 18.20 -13.01
N ALA B 353 8.64 18.73 -12.13
CA ALA B 353 9.67 17.93 -11.57
C ALA B 353 9.12 16.71 -10.87
N ARG B 354 8.09 16.89 -10.07
CA ARG B 354 7.58 15.71 -9.28
C ARG B 354 6.85 14.73 -10.14
N GLN B 355 6.13 15.27 -11.16
CA GLN B 355 5.31 14.36 -12.04
C GLN B 355 6.12 13.66 -13.05
N TRP B 356 7.06 14.35 -13.70
CA TRP B 356 7.91 13.74 -14.69
C TRP B 356 9.36 13.33 -14.28
N GLY B 357 9.87 13.79 -13.12
CA GLY B 357 11.22 13.50 -12.82
C GLY B 357 12.19 14.30 -13.68
N THR B 358 11.78 15.46 -14.22
CA THR B 358 12.61 16.38 -15.03
C THR B 358 11.73 17.57 -15.22
N THR B 359 12.33 18.71 -15.50
CA THR B 359 11.65 19.93 -15.96
C THR B 359 12.07 20.35 -17.39
N CYS B 360 12.72 19.44 -18.09
CA CYS B 360 13.10 19.66 -19.49
C CYS B 360 11.97 20.34 -20.32
N LYS B 361 12.23 21.56 -20.78
CA LYS B 361 11.32 22.40 -21.45
C LYS B 361 10.88 21.79 -22.82
N ASN B 362 11.67 20.94 -23.44
CA ASN B 362 11.22 20.31 -24.66
C ASN B 362 10.48 18.99 -24.49
N HIS B 363 10.18 18.57 -23.28
CA HIS B 363 9.35 17.38 -23.23
C HIS B 363 8.00 18.00 -23.67
N PRO B 364 7.36 17.30 -24.54
CA PRO B 364 6.13 17.77 -25.21
C PRO B 364 4.86 17.96 -24.36
N TYR B 365 4.58 17.18 -23.33
CA TYR B 365 3.60 17.64 -22.38
C TYR B 365 4.06 18.76 -21.43
N ILE B 366 5.32 18.69 -20.90
CA ILE B 366 5.84 19.73 -20.05
C ILE B 366 5.80 21.02 -20.80
N LYS B 367 6.10 20.95 -22.09
CA LYS B 367 5.96 22.21 -22.86
C LYS B 367 4.56 22.80 -22.87
N MET B 368 3.57 21.96 -23.04
CA MET B 368 2.21 22.48 -22.81
C MET B 368 1.93 22.97 -21.39
N VAL B 369 2.39 22.27 -20.33
CA VAL B 369 2.08 22.71 -18.97
C VAL B 369 2.69 24.14 -18.76
N MET B 370 3.87 24.32 -19.34
CA MET B 370 4.62 25.57 -19.12
C MET B 370 3.93 26.78 -19.79
N GLU B 371 3.12 26.57 -20.83
CA GLU B 371 2.35 27.66 -21.45
C GLU B 371 0.97 27.87 -20.87
N GLN B 372 0.59 27.17 -19.78
CA GLN B 372 -0.73 27.31 -19.16
C GLN B 372 -0.64 28.35 -18.14
N GLY B 373 -1.76 28.77 -17.54
CA GLY B 373 -1.67 29.77 -16.51
C GLY B 373 -1.08 29.35 -15.19
N ASP B 374 -0.94 30.31 -14.30
CA ASP B 374 -0.36 30.15 -13.00
C ASP B 374 -1.33 29.64 -11.99
N TRP B 375 -2.61 29.53 -12.36
CA TRP B 375 -3.65 29.02 -11.44
C TRP B 375 -4.21 27.67 -11.83
N LEU B 376 -4.60 26.92 -10.85
CA LEU B 376 -5.46 25.78 -11.04
C LEU B 376 -6.76 25.98 -10.43
N ILE B 377 -7.75 25.33 -10.99
CA ILE B 377 -9.12 25.45 -10.46
C ILE B 377 -9.64 24.09 -10.13
N GLY B 378 -9.95 23.82 -8.90
CA GLY B 378 -10.64 22.61 -8.60
C GLY B 378 -12.08 22.90 -8.24
N GLY B 379 -12.90 21.87 -8.29
CA GLY B 379 -14.29 21.99 -8.02
C GLY B 379 -15.02 20.75 -8.43
N ASP B 380 -16.32 20.81 -8.23
CA ASP B 380 -17.24 19.73 -8.56
C ASP B 380 -17.75 19.86 -10.00
N LEU B 381 -17.53 18.80 -10.77
CA LEU B 381 -17.69 18.91 -12.17
C LEU B 381 -19.01 18.16 -12.52
N GLN B 382 -19.84 18.80 -13.30
CA GLN B 382 -21.12 18.26 -13.79
C GLN B 382 -21.01 18.35 -15.26
N VAL B 383 -20.80 17.22 -15.90
CA VAL B 383 -20.57 17.22 -17.32
C VAL B 383 -21.95 17.10 -18.02
N LEU B 384 -22.15 17.87 -19.08
CA LEU B 384 -23.55 17.99 -19.68
C LEU B 384 -23.66 16.96 -20.77
N ASP B 385 -23.50 17.37 -22.02
CA ASP B 385 -23.66 16.47 -23.13
C ASP B 385 -22.64 15.40 -23.11
N ARG B 386 -23.13 14.27 -23.47
CA ARG B 386 -22.25 13.21 -23.66
C ARG B 386 -21.18 13.59 -24.68
N VAL B 387 -19.95 13.39 -24.24
CA VAL B 387 -18.83 13.65 -25.14
C VAL B 387 -18.72 12.68 -26.31
N TYR B 388 -18.63 13.24 -27.49
CA TYR B 388 -18.63 12.43 -28.74
C TYR B 388 -17.70 13.29 -29.62
N TRP B 389 -16.86 12.68 -30.42
CA TRP B 389 -15.89 13.47 -31.19
C TRP B 389 -16.18 13.47 -32.73
N ASN B 390 -17.00 12.55 -33.26
CA ASN B 390 -17.57 12.79 -34.60
C ASN B 390 -16.47 12.67 -35.61
N ASP B 391 -15.55 11.76 -35.34
CA ASP B 391 -14.42 11.59 -36.21
C ASP B 391 -14.47 10.18 -36.70
N GLY B 392 -15.53 9.44 -36.38
CA GLY B 392 -15.57 8.11 -36.92
C GLY B 392 -15.04 7.03 -36.04
N LEU B 393 -14.59 7.36 -34.82
CA LEU B 393 -14.10 6.33 -33.88
C LEU B 393 -14.98 6.25 -32.61
N ASP B 394 -16.06 7.01 -32.58
CA ASP B 394 -16.86 7.05 -31.38
C ASP B 394 -17.35 5.71 -30.93
N GLN B 395 -17.42 4.75 -31.82
CA GLN B 395 -17.97 3.44 -31.44
C GLN B 395 -17.07 2.70 -30.55
N TYR B 396 -15.76 3.02 -30.63
CA TYR B 396 -14.78 2.43 -29.73
C TYR B 396 -14.61 3.12 -28.34
N ARG B 397 -15.22 4.26 -28.15
CA ARG B 397 -15.00 5.08 -26.98
C ARG B 397 -16.04 4.61 -25.98
N LEU B 398 -15.71 3.55 -25.32
CA LEU B 398 -16.53 3.00 -24.30
C LEU B 398 -16.16 3.59 -22.91
N THR B 399 -17.18 3.90 -22.12
CA THR B 399 -16.96 4.32 -20.78
C THR B 399 -16.68 3.13 -19.98
N PRO B 400 -16.13 3.30 -18.76
CA PRO B 400 -15.94 2.18 -17.86
C PRO B 400 -17.20 1.31 -17.56
N THR B 401 -18.34 1.95 -17.46
CA THR B 401 -19.65 1.27 -17.26
C THR B 401 -20.02 0.51 -18.55
N GLU B 402 -19.89 1.09 -19.74
CA GLU B 402 -20.12 0.32 -20.95
C GLU B 402 -19.12 -0.85 -21.06
N LEU B 403 -17.89 -0.73 -20.51
CA LEU B 403 -16.92 -1.78 -20.70
C LEU B 403 -17.30 -2.93 -19.78
N LYS B 404 -17.58 -2.61 -18.52
CA LYS B 404 -18.03 -3.62 -17.54
C LYS B 404 -19.28 -4.47 -18.07
N GLN B 405 -20.23 -3.80 -18.69
CA GLN B 405 -21.43 -4.37 -19.27
C GLN B 405 -21.00 -5.24 -20.48
N LYS B 406 -20.02 -4.78 -21.25
CA LYS B 406 -19.50 -5.54 -22.37
C LYS B 406 -18.87 -6.81 -21.94
N PHE B 407 -18.12 -6.77 -20.86
CA PHE B 407 -17.43 -7.92 -20.34
C PHE B 407 -18.44 -8.95 -19.72
N LYS B 408 -19.55 -8.42 -19.24
CA LYS B 408 -20.62 -9.25 -18.69
C LYS B 408 -21.32 -9.99 -19.87
N ASP B 409 -21.73 -9.22 -20.90
CA ASP B 409 -22.39 -9.69 -22.12
C ASP B 409 -21.53 -10.74 -22.78
N MET B 410 -20.23 -10.70 -22.51
CA MET B 410 -19.37 -11.64 -23.14
C MET B 410 -19.08 -12.69 -22.12
N ASN B 411 -19.74 -12.59 -20.98
CA ASN B 411 -19.45 -13.56 -19.91
C ASN B 411 -18.00 -13.77 -19.49
N ALA B 412 -17.21 -12.68 -19.42
CA ALA B 412 -15.84 -12.82 -18.98
C ALA B 412 -15.80 -13.35 -17.59
N ASP B 413 -14.80 -14.13 -17.26
CA ASP B 413 -14.52 -14.31 -15.83
C ASP B 413 -13.10 -13.80 -15.44
N ALA B 414 -12.45 -13.08 -16.36
CA ALA B 414 -11.18 -12.36 -16.08
C ALA B 414 -11.00 -11.40 -17.24
N VAL B 415 -10.61 -10.16 -16.91
CA VAL B 415 -10.21 -9.13 -17.88
C VAL B 415 -8.77 -8.69 -17.67
N SER B 416 -7.98 -8.86 -18.75
CA SER B 416 -6.60 -8.50 -18.81
C SER B 416 -6.57 -7.23 -19.67
N ALA B 417 -5.99 -6.17 -19.15
CA ALA B 417 -5.93 -4.93 -19.94
C ALA B 417 -4.53 -4.70 -20.50
N PHE B 418 -4.51 -4.28 -21.75
CA PHE B 418 -3.29 -3.88 -22.41
C PHE B 418 -3.42 -2.42 -22.81
N GLN B 419 -2.82 -1.55 -22.00
CA GLN B 419 -2.60 -0.12 -22.39
C GLN B 419 -1.56 -0.06 -23.51
N LEU B 420 -1.72 0.83 -24.50
CA LEU B 420 -0.68 1.07 -25.52
C LEU B 420 -0.97 2.38 -26.18
N ARG B 421 0.01 2.90 -26.89
CA ARG B 421 -0.12 4.19 -27.58
C ARG B 421 0.53 4.04 -29.02
N ASN B 422 1.06 2.89 -29.28
CA ASN B 422 1.77 2.55 -30.50
C ASN B 422 1.10 1.42 -31.25
N PRO B 423 1.51 1.23 -32.53
CA PRO B 423 1.06 0.10 -33.34
C PRO B 423 1.41 -1.14 -32.64
N VAL B 424 0.56 -2.16 -32.75
CA VAL B 424 0.84 -3.41 -32.13
C VAL B 424 1.73 -4.21 -33.02
N HIS B 425 2.93 -4.52 -32.51
CA HIS B 425 3.71 -5.55 -33.02
C HIS B 425 3.63 -6.77 -32.18
N ASN B 426 4.33 -7.81 -32.63
CA ASN B 426 4.09 -9.15 -32.12
C ASN B 426 4.78 -9.45 -30.81
N GLY B 427 5.66 -8.54 -30.44
CA GLY B 427 6.13 -8.44 -29.08
C GLY B 427 5.04 -8.05 -28.07
N HIS B 428 4.33 -6.97 -28.36
CA HIS B 428 3.15 -6.58 -27.61
C HIS B 428 2.23 -7.79 -27.57
N ALA B 429 1.97 -8.38 -28.74
CA ALA B 429 1.08 -9.51 -28.81
C ALA B 429 1.60 -10.59 -27.97
N LEU B 430 2.87 -10.83 -27.99
CA LEU B 430 3.39 -11.90 -27.11
C LEU B 430 2.97 -11.74 -25.63
N LEU B 431 2.90 -10.49 -25.18
CA LEU B 431 2.64 -10.24 -23.77
C LEU B 431 1.17 -10.62 -23.54
N MET B 432 0.35 -10.21 -24.48
CA MET B 432 -1.07 -10.45 -24.36
C MET B 432 -1.33 -11.97 -24.36
N GLN B 433 -0.71 -12.64 -25.33
CA GLN B 433 -0.86 -14.10 -25.51
C GLN B 433 -0.35 -14.88 -24.29
N ASP B 434 0.80 -14.55 -23.79
CA ASP B 434 1.27 -15.17 -22.59
C ASP B 434 0.38 -14.84 -21.40
N THR B 435 -0.17 -13.64 -21.37
CA THR B 435 -1.04 -13.37 -20.22
C THR B 435 -2.22 -14.31 -20.25
N HIS B 436 -2.80 -14.41 -21.43
CA HIS B 436 -3.96 -15.25 -21.70
C HIS B 436 -3.65 -16.68 -21.31
N LYS B 437 -2.48 -17.21 -21.68
CA LYS B 437 -1.99 -18.50 -21.17
C LYS B 437 -1.97 -18.62 -19.66
N GLN B 438 -1.38 -17.62 -19.00
CA GLN B 438 -1.29 -17.60 -17.58
C GLN B 438 -2.72 -17.67 -16.97
N LEU B 439 -3.70 -16.91 -17.47
CA LEU B 439 -4.97 -16.90 -16.85
C LEU B 439 -5.69 -18.31 -16.95
N LEU B 440 -5.65 -18.89 -18.16
CA LEU B 440 -6.18 -20.27 -18.40
C LEU B 440 -5.56 -21.24 -17.38
N GLU B 441 -4.23 -21.23 -17.27
CA GLU B 441 -3.55 -22.10 -16.30
C GLU B 441 -3.97 -21.91 -14.84
N ARG B 442 -4.28 -20.68 -14.44
CA ARG B 442 -4.68 -20.47 -13.08
C ARG B 442 -6.15 -20.80 -12.82
N GLY B 443 -6.94 -21.14 -13.84
CA GLY B 443 -8.30 -21.59 -13.60
C GLY B 443 -9.37 -20.75 -14.27
N TYR B 444 -8.98 -19.65 -14.92
CA TYR B 444 -9.99 -18.80 -15.53
C TYR B 444 -10.38 -19.45 -16.83
N ARG B 445 -11.66 -19.35 -17.21
CA ARG B 445 -12.19 -20.17 -18.31
C ARG B 445 -12.59 -19.29 -19.47
N ARG B 446 -12.88 -18.04 -19.16
CA ARG B 446 -13.23 -17.10 -20.16
C ARG B 446 -12.49 -15.72 -20.02
N PRO B 447 -11.16 -15.72 -20.07
CA PRO B 447 -10.35 -14.47 -20.01
C PRO B 447 -10.53 -13.67 -21.28
N VAL B 448 -10.70 -12.38 -21.10
CA VAL B 448 -10.97 -11.48 -22.16
C VAL B 448 -9.88 -10.45 -22.05
N LEU B 449 -9.44 -10.04 -23.21
CA LEU B 449 -8.39 -9.06 -23.42
C LEU B 449 -9.04 -7.77 -23.70
N LEU B 450 -8.77 -6.78 -22.88
CA LEU B 450 -9.13 -5.41 -23.23
C LEU B 450 -7.94 -4.75 -23.92
N LEU B 451 -8.00 -4.60 -25.26
CA LEU B 451 -6.97 -3.93 -26.00
C LEU B 451 -7.37 -2.53 -26.01
N HIS B 452 -6.53 -1.67 -25.38
CA HIS B 452 -7.01 -0.35 -25.02
C HIS B 452 -6.13 0.78 -25.39
N PRO B 453 -6.05 1.09 -26.68
CA PRO B 453 -5.22 2.22 -27.12
C PRO B 453 -5.69 3.47 -26.50
N LEU B 454 -4.71 4.31 -26.19
CA LEU B 454 -4.95 5.63 -25.72
C LEU B 454 -5.25 6.52 -26.90
N GLY B 455 -6.16 7.46 -26.68
CA GLY B 455 -6.83 8.19 -27.74
C GLY B 455 -6.85 9.63 -27.49
N GLY B 456 -6.31 10.03 -26.33
CA GLY B 456 -6.22 11.44 -26.04
C GLY B 456 -5.00 12.02 -26.70
N TRP B 457 -4.66 13.26 -26.42
CA TRP B 457 -3.47 13.90 -27.03
C TRP B 457 -2.27 13.02 -26.91
N THR B 458 -1.54 12.95 -28.02
CA THR B 458 -0.26 12.36 -28.18
C THR B 458 0.72 13.31 -28.89
N LYS B 459 2.03 13.00 -28.75
CA LYS B 459 3.05 13.89 -29.22
C LYS B 459 3.14 13.73 -30.73
N ASP B 460 3.76 14.75 -31.33
CA ASP B 460 3.78 15.03 -32.78
C ASP B 460 4.22 13.87 -33.65
N ASP B 461 5.18 13.12 -33.25
CA ASP B 461 5.61 12.05 -34.19
C ASP B 461 5.00 10.71 -33.91
N ASP B 462 4.05 10.63 -33.02
CA ASP B 462 3.43 9.34 -32.78
C ASP B 462 2.46 9.05 -33.98
N VAL B 463 2.18 7.80 -34.19
CA VAL B 463 1.21 7.38 -35.15
C VAL B 463 -0.19 7.86 -34.71
N PRO B 464 -0.88 8.62 -35.56
CA PRO B 464 -2.25 9.03 -35.20
C PRO B 464 -3.14 7.90 -34.89
N LEU B 465 -4.03 8.19 -33.93
CA LEU B 465 -5.06 7.30 -33.47
C LEU B 465 -5.85 6.51 -34.59
N MET B 466 -6.24 7.17 -35.62
CA MET B 466 -7.10 6.49 -36.72
C MET B 466 -6.21 5.48 -37.34
N TRP B 467 -4.95 5.86 -37.62
CA TRP B 467 -4.05 4.82 -38.22
C TRP B 467 -3.79 3.70 -37.31
N ARG B 468 -3.71 4.01 -35.99
CA ARG B 468 -3.46 2.93 -35.05
C ARG B 468 -4.63 2.01 -34.93
N MET B 469 -5.86 2.53 -34.90
CA MET B 469 -7.01 1.66 -34.88
C MET B 469 -7.08 0.85 -36.16
N LYS B 470 -6.79 1.41 -37.30
CA LYS B 470 -6.76 0.57 -38.54
C LYS B 470 -5.73 -0.53 -38.44
N GLN B 471 -4.57 -0.20 -37.86
CA GLN B 471 -3.51 -1.18 -37.69
C GLN B 471 -3.92 -2.22 -36.74
N HIS B 472 -4.68 -1.84 -35.72
CA HIS B 472 -4.98 -2.90 -34.76
C HIS B 472 -6.08 -3.79 -35.29
N ALA B 473 -7.09 -3.22 -35.97
CA ALA B 473 -8.10 -4.02 -36.71
C ALA B 473 -7.38 -5.01 -37.62
N ALA B 474 -6.27 -4.63 -38.26
CA ALA B 474 -5.58 -5.65 -39.11
C ALA B 474 -4.99 -6.70 -38.31
N VAL B 475 -4.47 -6.33 -37.14
CA VAL B 475 -3.86 -7.35 -36.28
C VAL B 475 -4.93 -8.40 -35.86
N LEU B 476 -6.10 -7.90 -35.47
CA LEU B 476 -7.15 -8.83 -35.07
C LEU B 476 -7.67 -9.56 -36.40
N GLU B 477 -7.87 -8.87 -37.51
CA GLU B 477 -8.21 -9.57 -38.81
C GLU B 477 -7.25 -10.78 -39.13
N GLU B 478 -5.99 -10.75 -38.72
CA GLU B 478 -5.02 -11.79 -39.00
C GLU B 478 -4.98 -12.88 -37.92
N GLY B 479 -5.74 -12.72 -36.84
CA GLY B 479 -5.81 -13.76 -35.81
C GLY B 479 -4.71 -13.75 -34.79
N VAL B 480 -3.80 -12.74 -34.88
CA VAL B 480 -2.71 -12.61 -33.90
C VAL B 480 -3.32 -12.33 -32.45
N LEU B 481 -4.43 -11.64 -32.42
CA LEU B 481 -5.25 -11.68 -31.23
C LEU B 481 -6.63 -12.03 -31.72
N ASN B 482 -7.37 -12.69 -30.85
CA ASN B 482 -8.61 -13.28 -31.20
C ASN B 482 -9.73 -12.30 -31.02
N PRO B 483 -10.34 -11.81 -32.13
CA PRO B 483 -11.40 -10.82 -31.99
C PRO B 483 -12.55 -11.24 -31.09
N GLU B 484 -12.79 -12.57 -30.91
CA GLU B 484 -13.97 -13.02 -30.17
C GLU B 484 -13.77 -12.90 -28.69
N THR B 485 -12.51 -12.93 -28.22
CA THR B 485 -12.18 -12.73 -26.81
C THR B 485 -11.47 -11.42 -26.46
N THR B 486 -11.64 -10.43 -27.32
CA THR B 486 -10.92 -9.18 -27.24
C THR B 486 -11.94 -8.12 -27.37
N VAL B 487 -11.88 -7.14 -26.49
CA VAL B 487 -12.62 -5.87 -26.70
C VAL B 487 -11.62 -4.82 -27.12
N VAL B 488 -11.95 -4.03 -28.14
CA VAL B 488 -11.07 -3.02 -28.63
C VAL B 488 -11.77 -1.75 -28.29
N ALA B 489 -11.12 -0.95 -27.46
CA ALA B 489 -11.72 0.31 -27.04
C ALA B 489 -10.64 1.40 -26.92
N ILE B 490 -11.02 2.65 -27.01
CA ILE B 490 -10.11 3.81 -26.90
C ILE B 490 -10.21 4.39 -25.50
N PHE B 491 -9.09 4.41 -24.82
CA PHE B 491 -8.90 5.13 -23.58
C PHE B 491 -8.77 6.56 -23.83
N PRO B 492 -9.67 7.37 -23.30
CA PRO B 492 -9.64 8.78 -23.64
C PRO B 492 -8.63 9.71 -22.96
N SER B 493 -7.72 9.24 -22.14
CA SER B 493 -6.74 10.18 -21.53
C SER B 493 -5.79 10.79 -22.49
N PRO B 494 -5.42 12.03 -22.35
CA PRO B 494 -4.14 12.50 -22.91
C PRO B 494 -3.03 11.67 -22.37
N MET B 495 -2.02 11.52 -23.19
CA MET B 495 -0.76 10.79 -22.88
C MET B 495 0.27 11.83 -22.33
N MET B 496 0.89 11.58 -21.20
CA MET B 496 1.81 12.52 -20.56
C MET B 496 3.27 12.17 -20.78
N TYR B 497 3.57 10.92 -21.13
CA TYR B 497 4.93 10.42 -21.26
C TYR B 497 5.72 10.68 -19.94
N ALA B 498 5.22 10.14 -18.83
CA ALA B 498 5.82 10.27 -17.50
C ALA B 498 6.15 8.96 -16.91
N GLY B 499 6.33 7.96 -17.76
CA GLY B 499 6.91 6.73 -17.30
C GLY B 499 6.28 6.17 -16.04
N PRO B 500 7.09 5.84 -15.00
CA PRO B 500 6.60 5.15 -13.81
C PRO B 500 5.56 5.90 -13.06
N THR B 501 5.55 7.21 -13.14
CA THR B 501 4.42 7.97 -12.58
C THR B 501 3.13 7.72 -13.43
N GLU B 502 3.25 7.85 -14.77
CA GLU B 502 2.05 7.71 -15.57
C GLU B 502 1.53 6.25 -15.64
N VAL B 503 2.43 5.28 -15.51
CA VAL B 503 2.01 3.91 -15.65
C VAL B 503 0.99 3.56 -14.57
N GLN B 504 1.10 4.21 -13.43
CA GLN B 504 0.13 3.97 -12.36
C GLN B 504 -1.26 4.48 -12.76
N TRP B 505 -1.28 5.58 -13.47
CA TRP B 505 -2.54 6.15 -13.97
C TRP B 505 -3.15 5.30 -15.07
N HIS B 506 -2.31 4.83 -16.01
CA HIS B 506 -2.76 3.86 -16.99
C HIS B 506 -3.39 2.69 -16.25
N CYS B 507 -2.72 2.15 -15.23
CA CYS B 507 -3.21 0.99 -14.53
C CYS B 507 -4.49 1.23 -13.69
N ARG B 508 -4.51 2.32 -12.89
CA ARG B 508 -5.65 2.58 -12.11
C ARG B 508 -6.90 2.85 -12.95
N ALA B 509 -6.77 3.49 -14.12
CA ALA B 509 -7.88 3.75 -15.00
C ALA B 509 -8.56 2.47 -15.44
N ARG B 510 -7.75 1.48 -15.70
CA ARG B 510 -8.24 0.22 -16.16
C ARG B 510 -8.86 -0.54 -15.02
N MET B 511 -8.34 -0.34 -13.82
CA MET B 511 -8.93 -0.98 -12.63
C MET B 511 -10.32 -0.56 -12.48
N VAL B 512 -10.57 0.72 -12.68
CA VAL B 512 -11.91 1.31 -12.49
C VAL B 512 -12.85 0.78 -13.57
N ALA B 513 -12.31 0.45 -14.73
CA ALA B 513 -13.06 -0.19 -15.80
C ALA B 513 -13.23 -1.68 -15.63
N GLY B 514 -12.66 -2.30 -14.58
CA GLY B 514 -13.03 -3.68 -14.27
C GLY B 514 -12.01 -4.63 -14.66
N ALA B 515 -10.81 -4.12 -15.02
CA ALA B 515 -9.73 -5.05 -15.27
C ALA B 515 -9.33 -5.78 -14.05
N ASN B 516 -8.97 -7.07 -14.25
CA ASN B 516 -8.57 -7.94 -13.14
C ASN B 516 -7.11 -8.07 -13.20
N PHE B 517 -6.53 -7.88 -14.36
CA PHE B 517 -5.05 -8.01 -14.54
C PHE B 517 -4.59 -6.94 -15.52
N TYR B 518 -3.46 -6.37 -15.23
CA TYR B 518 -2.92 -5.25 -16.00
C TYR B 518 -1.49 -5.62 -16.44
N ILE B 519 -1.27 -5.74 -17.73
CA ILE B 519 0.04 -6.14 -18.34
C ILE B 519 0.92 -4.92 -18.47
N VAL B 520 2.16 -5.08 -18.05
CA VAL B 520 3.11 -3.99 -18.12
C VAL B 520 4.43 -4.63 -18.57
N GLY B 521 5.07 -3.94 -19.50
CA GLY B 521 6.37 -4.31 -19.99
C GLY B 521 7.48 -3.37 -19.68
N ARG B 522 8.38 -3.27 -20.62
CA ARG B 522 9.58 -2.43 -20.54
C ARG B 522 9.23 -0.97 -20.80
N ASP B 523 9.73 -0.06 -19.99
CA ASP B 523 9.70 1.38 -20.26
C ASP B 523 8.30 1.84 -20.56
N PRO B 524 7.36 1.44 -19.70
CA PRO B 524 6.02 1.87 -19.98
C PRO B 524 5.91 3.33 -19.88
N ALA B 525 5.20 3.96 -20.80
CA ALA B 525 4.99 5.43 -20.78
C ALA B 525 6.27 6.25 -20.85
N GLY B 526 7.37 5.67 -21.33
CA GLY B 526 8.55 6.49 -21.53
C GLY B 526 8.73 7.00 -22.91
N MET B 527 9.83 7.69 -23.08
CA MET B 527 10.25 8.39 -24.28
C MET B 527 11.71 8.82 -24.04
N PRO B 528 12.44 9.05 -25.14
CA PRO B 528 13.81 9.56 -25.04
C PRO B 528 13.81 10.94 -24.43
N HIS B 529 14.80 11.20 -23.62
CA HIS B 529 15.01 12.54 -23.11
C HIS B 529 15.30 13.43 -24.25
N PRO B 530 14.59 14.51 -24.37
CA PRO B 530 14.75 15.33 -25.55
C PRO B 530 16.18 15.90 -25.71
N GLU B 531 16.86 16.16 -24.61
CA GLU B 531 18.26 16.65 -24.59
C GLU B 531 19.31 15.62 -25.02
N THR B 532 19.29 14.43 -24.42
CA THR B 532 20.37 13.49 -24.55
C THR B 532 20.02 12.43 -25.54
N GLY B 533 18.73 12.29 -25.84
CA GLY B 533 18.26 11.09 -26.48
C GLY B 533 18.34 9.79 -25.67
N LYS B 534 18.85 9.82 -24.42
CA LYS B 534 18.85 8.60 -23.61
C LYS B 534 17.39 8.37 -23.12
N ASP B 535 17.08 7.18 -22.68
CA ASP B 535 15.77 6.92 -22.09
C ASP B 535 15.53 7.93 -20.98
N LEU B 536 14.42 8.64 -20.99
CA LEU B 536 14.09 9.51 -19.86
C LEU B 536 14.06 8.74 -18.55
N TYR B 537 13.52 7.51 -18.59
CA TYR B 537 13.29 6.73 -17.33
C TYR B 537 14.07 5.49 -17.43
N GLU B 538 14.47 4.95 -16.28
CA GLU B 538 15.12 3.69 -16.27
C GLU B 538 14.09 2.67 -16.73
N PRO B 539 14.39 1.82 -17.72
CA PRO B 539 13.35 0.94 -18.30
C PRO B 539 12.71 -0.17 -17.49
N SER B 540 13.27 -0.50 -16.34
CA SER B 540 12.64 -1.52 -15.46
C SER B 540 11.84 -0.83 -14.43
N HIS B 541 11.97 0.46 -14.28
CA HIS B 541 11.26 1.13 -13.19
C HIS B 541 9.72 1.10 -13.25
N GLY B 542 9.14 1.33 -14.42
CA GLY B 542 7.70 1.22 -14.58
C GLY B 542 7.09 0.01 -13.93
N ALA B 543 7.57 -1.15 -14.28
CA ALA B 543 7.16 -2.43 -13.72
C ALA B 543 7.48 -2.48 -12.23
N LYS B 544 8.66 -2.06 -11.79
CA LYS B 544 9.03 -2.32 -10.43
C LYS B 544 8.08 -1.45 -9.59
N VAL B 545 7.89 -0.20 -9.99
CA VAL B 545 7.06 0.75 -9.23
C VAL B 545 5.61 0.27 -9.23
N LEU B 546 5.12 -0.11 -10.39
CA LEU B 546 3.76 -0.58 -10.48
C LEU B 546 3.43 -1.78 -9.67
N THR B 547 4.28 -2.83 -9.70
CA THR B 547 4.16 -3.98 -8.87
C THR B 547 4.06 -3.72 -7.38
N MET B 548 4.56 -2.57 -6.95
CA MET B 548 4.50 -2.28 -5.56
C MET B 548 3.70 -1.06 -5.21
N ALA B 549 3.05 -0.45 -6.18
CA ALA B 549 2.33 0.75 -5.86
C ALA B 549 1.10 0.51 -4.99
N PRO B 550 0.86 1.40 -4.07
CA PRO B 550 -0.31 1.29 -3.18
C PRO B 550 -1.52 1.72 -3.95
N GLY B 551 -2.62 1.29 -3.43
CA GLY B 551 -3.86 1.78 -3.91
C GLY B 551 -4.40 1.17 -5.19
N LEU B 552 -3.94 0.01 -5.52
CA LEU B 552 -4.38 -0.71 -6.71
C LEU B 552 -4.68 -2.20 -6.32
N ILE B 553 -5.57 -2.31 -5.40
CA ILE B 553 -5.81 -3.53 -4.63
C ILE B 553 -6.70 -4.49 -5.44
N THR B 554 -7.53 -4.02 -6.36
CA THR B 554 -8.44 -4.96 -7.02
C THR B 554 -8.01 -5.44 -8.37
N LEU B 555 -6.74 -5.27 -8.67
CA LEU B 555 -6.21 -5.94 -9.81
C LEU B 555 -4.84 -6.42 -9.56
N GLU B 556 -4.42 -7.30 -10.44
CA GLU B 556 -3.10 -7.80 -10.32
C GLU B 556 -2.22 -7.29 -11.45
N ILE B 557 -1.00 -6.94 -11.12
CA ILE B 557 -0.03 -6.55 -12.13
C ILE B 557 0.65 -7.77 -12.73
N VAL B 558 0.69 -7.84 -14.04
CA VAL B 558 1.36 -8.89 -14.77
C VAL B 558 2.54 -8.34 -15.53
N PRO B 559 3.74 -8.33 -14.94
CA PRO B 559 4.88 -7.64 -15.58
C PRO B 559 5.70 -8.59 -16.46
N PHE B 560 6.30 -8.02 -17.49
CA PHE B 560 7.07 -8.73 -18.50
C PHE B 560 8.37 -8.05 -18.77
N ARG B 561 9.37 -8.85 -19.04
CA ARG B 561 10.67 -8.44 -19.61
C ARG B 561 10.52 -8.08 -21.09
N VAL B 562 11.52 -7.42 -21.61
CA VAL B 562 11.48 -6.92 -22.94
C VAL B 562 11.49 -8.03 -23.96
N ALA B 563 10.63 -7.88 -24.96
CA ALA B 563 10.55 -8.76 -26.10
C ALA B 563 11.16 -8.10 -27.32
N ALA B 564 11.62 -8.93 -28.25
CA ALA B 564 12.43 -8.46 -29.40
C ALA B 564 12.48 -9.56 -30.45
N TYR B 565 12.85 -9.18 -31.65
CA TYR B 565 12.79 -10.10 -32.74
C TYR B 565 13.90 -11.12 -32.64
N ASN B 566 13.53 -12.39 -32.53
CA ASN B 566 14.57 -13.45 -32.53
C ASN B 566 14.82 -13.88 -33.99
N LYS B 567 15.98 -13.50 -34.52
CA LYS B 567 16.43 -13.85 -35.91
C LYS B 567 16.46 -15.37 -36.15
N LYS B 568 17.02 -16.11 -35.18
CA LYS B 568 17.13 -17.59 -35.25
C LYS B 568 15.76 -18.27 -35.32
N LYS B 569 14.87 -17.91 -34.39
CA LYS B 569 13.54 -18.49 -34.34
C LYS B 569 12.51 -17.85 -35.26
N LYS B 570 12.81 -16.67 -35.82
CA LYS B 570 11.88 -15.98 -36.74
C LYS B 570 10.55 -15.57 -36.04
N ARG B 571 10.66 -15.19 -34.77
CA ARG B 571 9.52 -14.70 -34.03
C ARG B 571 9.94 -13.75 -32.91
N MET B 572 8.94 -13.07 -32.38
CA MET B 572 9.13 -12.18 -31.23
C MET B 572 9.28 -13.14 -30.07
N ASP B 573 10.27 -12.87 -29.25
CA ASP B 573 10.53 -13.62 -28.05
C ASP B 573 11.17 -12.71 -26.99
N TYR B 574 11.18 -13.15 -25.71
CA TYR B 574 11.85 -12.42 -24.62
C TYR B 574 13.34 -12.42 -24.89
N TYR B 575 13.98 -11.26 -24.78
CA TYR B 575 15.38 -11.07 -24.93
C TYR B 575 16.20 -11.76 -23.86
N ASP B 576 17.43 -12.15 -24.22
CA ASP B 576 18.43 -12.92 -23.41
C ASP B 576 19.83 -12.28 -23.54
N SER B 577 20.44 -11.80 -22.46
CA SER B 577 21.80 -11.16 -22.52
C SER B 577 22.91 -12.02 -23.23
N GLU B 578 22.92 -13.31 -22.94
CA GLU B 578 23.78 -14.23 -23.65
C GLU B 578 22.84 -14.52 -24.78
N HIS B 579 23.23 -14.18 -25.99
CA HIS B 579 22.38 -14.20 -27.18
C HIS B 579 22.16 -12.73 -27.67
N HIS B 580 22.83 -11.74 -27.07
CA HIS B 580 22.66 -10.32 -27.51
C HIS B 580 22.41 -10.22 -29.03
N GLU B 581 23.22 -10.92 -29.82
CA GLU B 581 23.20 -10.76 -31.29
C GLU B 581 22.12 -11.65 -32.01
N ASP B 582 21.42 -12.57 -31.33
CA ASP B 582 20.21 -13.22 -31.94
C ASP B 582 18.95 -12.23 -32.03
N PHE B 583 19.11 -11.01 -31.48
CA PHE B 583 17.97 -10.14 -31.19
C PHE B 583 18.05 -8.86 -31.97
N GLU B 584 17.00 -8.64 -32.77
CA GLU B 584 16.86 -7.35 -33.43
C GLU B 584 15.77 -6.48 -32.78
N PHE B 585 16.12 -5.25 -32.45
CA PHE B 585 15.25 -4.29 -31.84
C PHE B 585 14.80 -3.36 -32.99
N ILE B 586 13.51 -3.42 -33.33
CA ILE B 586 12.97 -2.53 -34.34
C ILE B 586 12.05 -1.42 -33.75
N SER B 587 12.53 -0.17 -33.79
CA SER B 587 11.84 0.96 -33.22
C SER B 587 10.90 1.50 -34.29
N GLY B 588 10.14 2.52 -33.93
CA GLY B 588 9.17 3.18 -34.81
C GLY B 588 10.01 3.91 -35.87
N THR B 589 11.13 4.45 -35.45
CA THR B 589 12.09 5.03 -36.34
C THR B 589 12.56 4.08 -37.45
N ARG B 590 12.89 2.88 -37.08
CA ARG B 590 13.39 1.95 -38.03
C ARG B 590 12.24 1.46 -38.94
N MET B 591 11.04 1.35 -38.38
CA MET B 591 9.88 1.01 -39.16
C MET B 591 9.68 2.04 -40.27
N ARG B 592 9.71 3.33 -39.95
CA ARG B 592 9.59 4.39 -40.91
C ARG B 592 10.67 4.39 -42.01
N LYS B 593 11.92 4.18 -41.57
CA LYS B 593 13.00 4.08 -42.51
C LYS B 593 12.77 2.90 -43.43
N LEU B 594 12.36 1.75 -42.90
CA LEU B 594 12.17 0.59 -43.73
C LEU B 594 11.02 0.82 -44.77
N ALA B 595 9.85 1.27 -44.31
CA ALA B 595 8.81 1.68 -45.24
C ALA B 595 9.27 2.59 -46.42
N ARG B 596 9.98 3.67 -46.13
CA ARG B 596 10.53 4.66 -47.09
C ARG B 596 11.33 4.03 -48.17
N GLU B 597 11.99 2.92 -47.85
CA GLU B 597 12.84 2.31 -48.86
C GLU B 597 12.17 1.10 -49.42
N GLY B 598 10.89 1.05 -49.14
CA GLY B 598 10.06 -0.06 -49.57
C GLY B 598 10.33 -1.46 -49.06
N GLN B 599 11.04 -1.58 -47.93
CA GLN B 599 11.19 -2.87 -47.25
C GLN B 599 10.13 -3.06 -46.13
N LYS B 600 9.94 -4.31 -45.77
CA LYS B 600 9.19 -4.80 -44.68
C LYS B 600 10.12 -5.15 -43.49
N PRO B 601 9.57 -5.24 -42.27
CA PRO B 601 10.35 -5.73 -41.13
C PRO B 601 10.41 -7.21 -41.37
N PRO B 602 11.24 -7.94 -40.65
CA PRO B 602 11.30 -9.39 -40.73
C PRO B 602 9.99 -10.01 -40.52
N GLU B 603 9.94 -11.27 -40.92
CA GLU B 603 8.69 -11.96 -40.95
C GLU B 603 8.49 -12.38 -39.50
N GLY B 604 7.28 -12.14 -38.97
CA GLY B 604 6.91 -12.54 -37.61
C GLY B 604 6.97 -11.40 -36.56
N PHE B 605 7.50 -10.29 -36.99
CA PHE B 605 7.64 -9.11 -36.17
C PHE B 605 6.26 -8.46 -36.16
N MET B 606 5.61 -8.35 -37.30
CA MET B 606 4.30 -7.71 -37.32
C MET B 606 3.33 -8.41 -38.27
N ALA B 607 2.08 -8.54 -37.91
CA ALA B 607 1.11 -9.10 -38.86
C ALA B 607 1.15 -8.35 -40.20
N PRO B 608 1.29 -9.09 -41.35
CA PRO B 608 1.35 -8.47 -42.71
C PRO B 608 0.36 -7.43 -43.02
N LYS B 609 -0.95 -7.70 -42.83
CA LYS B 609 -1.97 -6.68 -43.08
C LYS B 609 -1.74 -5.41 -42.23
N ALA B 610 -1.28 -5.65 -41.01
CA ALA B 610 -0.99 -4.52 -40.10
C ALA B 610 0.17 -3.69 -40.58
N TRP B 611 1.25 -4.35 -41.01
CA TRP B 611 2.36 -3.63 -41.67
C TRP B 611 1.88 -2.80 -42.85
N THR B 612 0.97 -3.37 -43.64
CA THR B 612 0.48 -2.66 -44.81
C THR B 612 -0.23 -1.38 -44.48
N VAL B 613 -0.97 -1.42 -43.39
CA VAL B 613 -1.59 -0.19 -42.87
C VAL B 613 -0.55 0.82 -42.53
N LEU B 614 0.51 0.41 -41.89
CA LEU B 614 1.57 1.38 -41.57
C LEU B 614 2.25 1.96 -42.84
N THR B 615 2.40 1.14 -43.89
CA THR B 615 2.98 1.71 -45.17
C THR B 615 2.07 2.77 -45.74
N GLU B 616 0.76 2.55 -45.60
CA GLU B 616 -0.17 3.56 -46.04
C GLU B 616 -0.01 4.79 -45.23
N TYR B 617 0.18 4.60 -43.93
CA TYR B 617 0.37 5.73 -43.03
C TYR B 617 1.60 6.49 -43.47
N TYR B 618 2.72 5.83 -43.48
CA TYR B 618 4.04 6.44 -43.89
C TYR B 618 4.03 7.06 -45.29
N LYS B 619 3.31 6.40 -46.21
CA LYS B 619 3.06 7.03 -47.50
C LYS B 619 2.38 8.40 -47.40
N SER B 620 1.31 8.47 -46.58
CA SER B 620 0.59 9.76 -46.43
C SER B 620 1.52 10.79 -45.78
N LEU B 621 2.45 10.34 -44.95
CA LEU B 621 3.44 11.25 -44.42
C LEU B 621 4.26 11.75 -45.57
N GLU B 622 4.85 10.83 -46.31
CA GLU B 622 5.70 11.22 -47.41
C GLU B 622 5.08 12.24 -48.43
N LYS B 623 3.82 12.10 -48.81
CA LYS B 623 3.10 13.15 -49.57
C LYS B 623 3.21 14.57 -48.98
N ALA B 624 2.73 14.72 -47.73
CA ALA B 624 3.03 15.89 -46.89
C ALA B 624 4.26 16.71 -47.37
#